data_9DQC
#
_entry.id   9DQC
#
_cell.length_a   55.110
_cell.length_b   82.526
_cell.length_c   74.331
_cell.angle_alpha   90.000
_cell.angle_beta   90.960
_cell.angle_gamma   90.000
#
_symmetry.space_group_name_H-M   'P 1 21 1'
#
loop_
_entity.id
_entity.type
_entity.pdbx_description
1 polymer 'Hare calicivirus protruding domain'
2 branched alpha-L-fucopyranose-(1-2)-[2-acetamido-2-deoxy-alpha-D-galactopyranose-(1-3)]alpha-D-galactopyranose
3 non-polymer 1,2-ETHANEDIOL
4 water water
#
_entity_poly.entity_id   1
_entity_poly.type   'polypeptide(L)'
_entity_poly.pdbx_seq_one_letter_code
;SPAGLLTTPVLTGAGSDNRWGAQIVALQPVPSGFSTCNRHWNLNGSTFGWSSPRFSDIDHPRGNASYTGTGSTNVIETWY
ANTGTATNNPISNIAPDGFPDMGAIGFSGQTIPTGGWVGFGEVWNVANGSPYNGTVQAYELGFATGAPNSINPATTTVGT
QIVAKSIYGVAIGQNQQTAGLFVLSTGIVSTSGPNATTYTPQPNSIVVAPGTPAAAPIGRNVPVMFSGVIRRAGDINAGA
GSVNGTQYGVGSQPISVTLQLSLTNYSSSLQPGQFFVWQLNFASGFLEIGLNVDGYFYIGAGASSNMIELTELIDVRPVG
VRPNTSTLVFNL
;
_entity_poly.pdbx_strand_id   A,B
#
# COMPACT_ATOMS: atom_id res chain seq x y z
N SER A 1 -5.78 18.60 -21.71
CA SER A 1 -4.56 18.10 -22.40
C SER A 1 -3.91 16.94 -21.65
N PRO A 2 -3.51 15.89 -22.38
CA PRO A 2 -2.88 14.75 -21.71
C PRO A 2 -1.47 15.02 -21.23
N ALA A 3 -0.90 16.18 -21.55
CA ALA A 3 0.52 16.39 -21.25
C ALA A 3 0.81 16.16 -19.78
N GLY A 4 -0.10 16.57 -18.90
CA GLY A 4 0.10 16.44 -17.48
C GLY A 4 0.03 15.03 -16.94
N LEU A 5 -0.33 14.05 -17.77
CA LEU A 5 -0.37 12.66 -17.31
C LEU A 5 1.02 12.13 -16.95
N LEU A 6 2.05 12.57 -17.67
CA LEU A 6 3.39 12.07 -17.42
C LEU A 6 4.29 13.27 -17.19
N THR A 7 4.77 13.41 -15.96
CA THR A 7 5.66 14.48 -15.60
C THR A 7 6.92 13.87 -15.00
N THR A 8 7.92 14.73 -14.87
CA THR A 8 9.24 14.28 -14.42
C THR A 8 9.21 13.46 -13.14
N PRO A 9 8.54 13.88 -12.06
CA PRO A 9 8.62 13.08 -10.81
C PRO A 9 8.10 11.67 -10.94
N VAL A 10 7.15 11.42 -11.84
CA VAL A 10 6.60 10.08 -12.04
C VAL A 10 7.69 9.09 -12.38
N LEU A 11 8.72 9.53 -13.10
CA LEU A 11 9.74 8.62 -13.59
C LEU A 11 11.10 8.82 -12.93
N THR A 12 11.25 9.79 -12.03
CA THR A 12 12.53 10.04 -11.36
C THR A 12 12.51 9.65 -9.88
N GLY A 13 11.47 8.95 -9.45
CA GLY A 13 11.50 8.33 -8.15
C GLY A 13 10.24 8.48 -7.34
N ALA A 14 9.33 9.39 -7.73
CA ALA A 14 8.10 9.60 -7.00
C ALA A 14 6.92 8.82 -7.56
N GLY A 15 7.15 8.00 -8.58
CA GLY A 15 6.08 7.24 -9.19
C GLY A 15 6.02 5.80 -8.70
N SER A 16 4.84 5.18 -8.81
CA SER A 16 4.63 3.81 -8.41
C SER A 16 3.79 3.10 -9.47
N ASP A 17 4.08 1.82 -9.70
CA ASP A 17 3.32 1.11 -10.74
C ASP A 17 1.94 0.71 -10.23
N ASN A 18 1.03 0.47 -11.19
CA ASN A 18 -0.36 0.17 -10.88
C ASN A 18 -0.67 -1.29 -10.55
N ARG A 19 0.32 -2.17 -10.46
CA ARG A 19 0.07 -3.56 -10.06
C ARG A 19 0.67 -3.89 -8.70
N TRP A 20 1.91 -3.47 -8.47
CA TRP A 20 2.64 -3.76 -7.25
C TRP A 20 2.76 -2.55 -6.33
N GLY A 21 2.58 -1.34 -6.86
CA GLY A 21 2.81 -0.14 -6.06
C GLY A 21 4.26 0.14 -5.79
N ALA A 22 5.15 -0.48 -6.56
CA ALA A 22 6.58 -0.35 -6.34
C ALA A 22 7.08 0.95 -6.98
N GLN A 23 8.16 1.49 -6.41
CA GLN A 23 8.75 2.71 -6.96
C GLN A 23 9.26 2.47 -8.37
N ILE A 24 8.82 3.30 -9.32
CA ILE A 24 9.21 3.10 -10.71
C ILE A 24 10.66 3.53 -10.89
N VAL A 25 11.51 2.59 -11.31
CA VAL A 25 12.92 2.85 -11.57
C VAL A 25 13.37 2.41 -12.94
N ALA A 26 12.50 1.79 -13.73
CA ALA A 26 12.91 1.35 -15.06
C ALA A 26 11.70 1.22 -15.96
N LEU A 27 11.97 1.19 -17.26
CA LEU A 27 10.96 0.85 -18.25
C LEU A 27 11.27 -0.54 -18.79
N GLN A 28 10.22 -1.31 -19.03
CA GLN A 28 10.36 -2.68 -19.51
C GLN A 28 9.68 -2.81 -20.88
N PRO A 29 10.44 -2.80 -21.98
CA PRO A 29 9.82 -2.99 -23.29
C PRO A 29 9.30 -4.40 -23.45
N VAL A 30 8.22 -4.52 -24.21
CA VAL A 30 7.55 -5.80 -24.43
C VAL A 30 7.31 -5.97 -25.92
N PRO A 31 8.33 -6.42 -26.68
CA PRO A 31 8.18 -6.54 -28.13
C PRO A 31 7.07 -7.47 -28.60
N SER A 32 6.69 -8.46 -27.81
CA SER A 32 5.59 -9.32 -28.21
C SER A 32 4.24 -8.63 -28.12
N GLY A 33 4.16 -7.55 -27.35
CA GLY A 33 2.88 -7.04 -26.90
C GLY A 33 2.38 -7.76 -25.65
N PHE A 34 1.36 -7.17 -25.03
CA PHE A 34 0.71 -7.74 -23.86
C PHE A 34 -0.68 -7.09 -23.73
N SER A 35 -1.46 -7.59 -22.77
CA SER A 35 -2.72 -6.97 -22.39
C SER A 35 -2.74 -6.77 -20.87
N THR A 36 -3.50 -5.78 -20.40
CA THR A 36 -3.76 -5.61 -18.97
C THR A 36 -5.08 -4.86 -18.84
N CYS A 37 -5.94 -5.31 -17.92
CA CYS A 37 -7.15 -4.58 -17.58
C CYS A 37 -7.29 -4.19 -16.12
N ASN A 38 -6.75 -4.95 -15.18
CA ASN A 38 -7.01 -4.64 -13.78
C ASN A 38 -6.21 -3.43 -13.32
N ARG A 39 -6.90 -2.48 -12.69
CA ARG A 39 -6.31 -1.21 -12.28
C ARG A 39 -5.68 -0.47 -13.46
N HIS A 40 -6.25 -0.65 -14.65
CA HIS A 40 -5.78 0.01 -15.85
C HIS A 40 -6.96 0.79 -16.43
N TRP A 41 -6.75 2.07 -16.71
CA TRP A 41 -7.78 2.93 -17.27
C TRP A 41 -7.39 3.37 -18.67
N ASN A 42 -8.40 3.59 -19.51
CA ASN A 42 -8.18 4.16 -20.84
C ASN A 42 -8.46 5.67 -20.82
N LEU A 43 -8.39 6.28 -21.99
CA LEU A 43 -8.60 7.71 -22.12
C LEU A 43 -10.07 8.03 -22.36
N ASN A 44 -10.96 7.07 -22.16
CA ASN A 44 -12.40 7.27 -22.15
C ASN A 44 -12.98 7.02 -20.76
N GLY A 45 -12.18 7.30 -19.72
CA GLY A 45 -12.63 7.19 -18.34
C GLY A 45 -13.03 5.81 -17.86
N SER A 46 -12.57 4.74 -18.52
CA SER A 46 -13.12 3.41 -18.29
C SER A 46 -12.03 2.36 -18.04
N THR A 47 -12.42 1.34 -17.26
CA THR A 47 -11.62 0.14 -17.06
C THR A 47 -12.42 -1.09 -17.44
N PHE A 48 -11.73 -2.12 -17.92
CA PHE A 48 -12.30 -3.46 -18.06
C PHE A 48 -11.99 -4.36 -16.87
N GLY A 49 -11.28 -3.83 -15.87
CA GLY A 49 -10.88 -4.61 -14.71
C GLY A 49 -11.86 -4.55 -13.55
N TRP A 50 -11.40 -5.00 -12.41
CA TRP A 50 -12.24 -5.16 -11.24
C TRP A 50 -11.71 -4.36 -10.04
N SER A 51 -10.73 -3.49 -10.24
CA SER A 51 -10.07 -2.80 -9.14
C SER A 51 -10.13 -1.28 -9.29
N SER A 52 -10.21 -0.60 -8.15
CA SER A 52 -10.17 0.85 -8.13
C SER A 52 -8.73 1.32 -8.29
N PRO A 53 -8.54 2.61 -8.63
CA PRO A 53 -7.20 3.15 -8.88
C PRO A 53 -6.46 3.50 -7.60
N ARG A 54 -6.64 2.66 -6.59
CA ARG A 54 -5.90 2.71 -5.35
C ARG A 54 -5.66 1.27 -4.94
N PHE A 55 -4.89 1.08 -3.88
CA PHE A 55 -4.55 -0.26 -3.43
C PHE A 55 -5.48 -0.69 -2.31
N SER A 56 -6.64 -1.23 -2.68
CA SER A 56 -7.61 -1.77 -1.73
C SER A 56 -7.13 -3.12 -1.22
N ASP A 57 -7.33 -3.40 0.09
CA ASP A 57 -7.17 -4.78 0.54
C ASP A 57 -8.18 -5.67 -0.22
N ILE A 58 -8.02 -6.98 -0.08
CA ILE A 58 -8.77 -7.97 -0.84
C ILE A 58 -9.67 -8.69 0.14
N ASP A 59 -10.98 -8.66 -0.10
CA ASP A 59 -11.93 -9.29 0.81
C ASP A 59 -13.01 -9.92 -0.05
N HIS A 60 -13.20 -11.23 0.11
CA HIS A 60 -14.30 -11.93 -0.55
C HIS A 60 -15.08 -12.68 0.51
N PRO A 61 -16.41 -12.58 0.55
CA PRO A 61 -17.15 -13.15 1.68
C PRO A 61 -17.62 -14.59 1.52
N ARG A 62 -17.39 -15.25 0.38
CA ARG A 62 -17.98 -16.58 0.21
C ARG A 62 -17.11 -17.45 -0.69
N GLY A 63 -16.21 -18.21 -0.07
CA GLY A 63 -15.47 -19.25 -0.74
C GLY A 63 -15.43 -20.50 0.10
N ASN A 64 -14.74 -21.49 -0.44
CA ASN A 64 -14.55 -22.77 0.21
C ASN A 64 -13.13 -22.80 0.73
N ALA A 65 -12.95 -23.13 2.01
CA ALA A 65 -11.62 -23.26 2.62
C ALA A 65 -11.39 -24.72 3.00
N SER A 66 -10.19 -25.20 2.75
CA SER A 66 -9.83 -26.59 3.10
C SER A 66 -8.32 -26.74 3.29
N TYR A 67 -7.97 -27.86 3.93
CA TYR A 67 -6.60 -28.37 3.92
C TYR A 67 -6.65 -29.87 3.67
N THR A 68 -5.50 -30.44 3.30
CA THR A 68 -5.44 -31.87 2.97
C THR A 68 -4.97 -32.70 4.15
N GLY A 69 -5.59 -33.89 4.30
CA GLY A 69 -5.19 -34.85 5.30
C GLY A 69 -5.95 -34.71 6.60
N THR A 70 -5.62 -35.61 7.54
CA THR A 70 -6.28 -35.63 8.83
C THR A 70 -5.63 -34.68 9.85
N GLY A 71 -4.30 -34.54 9.80
CA GLY A 71 -3.65 -33.58 10.68
C GLY A 71 -4.03 -32.15 10.33
N SER A 72 -4.33 -31.35 11.35
CA SER A 72 -4.79 -29.99 11.16
C SER A 72 -3.75 -28.92 11.47
N THR A 73 -2.55 -29.29 11.93
CA THR A 73 -1.52 -28.31 12.29
C THR A 73 -0.40 -28.29 11.26
N ASN A 74 0.07 -27.08 10.92
CA ASN A 74 1.16 -26.88 9.94
C ASN A 74 0.80 -27.49 8.59
N VAL A 75 -0.33 -27.01 8.05
CA VAL A 75 -0.94 -27.58 6.85
C VAL A 75 -1.13 -26.47 5.83
N ILE A 76 -1.18 -26.87 4.57
CA ILE A 76 -1.43 -25.93 3.48
C ILE A 76 -2.93 -25.68 3.38
N GLU A 77 -3.32 -24.41 3.42
CA GLU A 77 -4.72 -24.01 3.35
C GLU A 77 -5.03 -23.45 1.98
N THR A 78 -6.18 -23.89 1.41
CA THR A 78 -6.64 -23.44 0.10
C THR A 78 -8.04 -22.86 0.21
N TRP A 79 -8.22 -21.65 -0.34
CA TRP A 79 -9.52 -21.02 -0.44
C TRP A 79 -9.81 -20.80 -1.92
N TYR A 80 -11.07 -21.00 -2.32
CA TYR A 80 -11.40 -20.71 -3.71
C TYR A 80 -12.86 -20.35 -3.87
N ALA A 81 -13.14 -19.63 -4.97
CA ALA A 81 -14.49 -19.34 -5.38
C ALA A 81 -14.50 -19.20 -6.90
N ASN A 82 -15.70 -19.16 -7.47
CA ASN A 82 -15.78 -18.90 -8.90
C ASN A 82 -15.53 -17.43 -9.18
N THR A 83 -15.02 -17.14 -10.37
CA THR A 83 -15.11 -15.78 -10.85
C THR A 83 -16.57 -15.36 -10.96
N GLY A 84 -16.79 -14.06 -10.81
CA GLY A 84 -18.13 -13.49 -10.91
C GLY A 84 -18.94 -13.52 -9.66
N THR A 85 -18.33 -13.81 -8.53
CA THR A 85 -19.01 -13.95 -7.25
C THR A 85 -18.64 -12.85 -6.27
N ALA A 86 -17.89 -11.84 -6.71
CA ALA A 86 -17.56 -10.72 -5.82
C ALA A 86 -18.69 -9.69 -5.89
N THR A 87 -19.84 -10.10 -5.31
CA THR A 87 -21.11 -9.41 -5.56
C THR A 87 -21.16 -8.07 -4.87
N ASN A 88 -20.29 -7.84 -3.89
CA ASN A 88 -20.13 -6.59 -3.16
C ASN A 88 -19.16 -5.60 -3.80
N ASN A 89 -18.53 -5.94 -4.92
CA ASN A 89 -17.61 -5.02 -5.58
C ASN A 89 -18.38 -4.23 -6.62
N PRO A 90 -18.54 -2.92 -6.48
CA PRO A 90 -19.36 -2.16 -7.45
C PRO A 90 -18.73 -2.00 -8.82
N ILE A 91 -17.43 -2.20 -8.96
CA ILE A 91 -16.78 -2.03 -10.25
C ILE A 91 -17.09 -3.21 -11.15
N SER A 92 -16.99 -4.41 -10.61
CA SER A 92 -17.16 -5.66 -11.35
C SER A 92 -17.32 -6.77 -10.34
N ASN A 93 -18.14 -7.77 -10.64
CA ASN A 93 -18.24 -8.94 -9.78
C ASN A 93 -17.19 -10.00 -10.14
N ILE A 94 -16.30 -9.71 -11.07
CA ILE A 94 -15.34 -10.73 -11.50
C ILE A 94 -14.54 -11.26 -10.31
N ALA A 95 -14.00 -10.35 -9.52
CA ALA A 95 -13.14 -10.70 -8.40
C ALA A 95 -13.16 -9.54 -7.44
N PRO A 96 -12.69 -9.74 -6.20
CA PRO A 96 -12.63 -8.61 -5.25
C PRO A 96 -11.72 -7.50 -5.77
N ASP A 97 -12.07 -6.27 -5.41
CA ASP A 97 -11.21 -5.15 -5.66
C ASP A 97 -9.84 -5.43 -5.07
N GLY A 98 -8.79 -5.33 -5.90
CA GLY A 98 -7.45 -5.59 -5.45
C GLY A 98 -6.95 -6.98 -5.80
N PHE A 99 -7.83 -7.89 -6.15
CA PHE A 99 -7.37 -9.25 -6.41
C PHE A 99 -6.42 -9.22 -7.60
N PRO A 100 -5.28 -9.92 -7.54
CA PRO A 100 -4.27 -9.76 -8.59
C PRO A 100 -4.67 -10.41 -9.92
N ASP A 101 -4.29 -9.76 -11.00
CA ASP A 101 -4.56 -10.22 -12.36
C ASP A 101 -3.51 -11.20 -12.86
N MET A 102 -3.24 -12.24 -12.08
CA MET A 102 -2.23 -13.23 -12.45
C MET A 102 -2.77 -14.64 -12.27
N GLY A 103 -2.19 -15.55 -13.03
CA GLY A 103 -2.56 -16.95 -12.86
C GLY A 103 -2.01 -17.50 -11.57
N ALA A 104 -2.79 -18.38 -10.92
CA ALA A 104 -2.34 -19.07 -9.72
C ALA A 104 -1.62 -20.34 -10.15
N ILE A 105 -0.32 -20.39 -9.88
CA ILE A 105 0.50 -21.54 -10.25
C ILE A 105 0.30 -22.64 -9.23
N GLY A 106 0.14 -23.87 -9.75
CA GLY A 106 -0.10 -24.99 -8.88
C GLY A 106 1.17 -25.43 -8.15
N PHE A 107 0.96 -26.07 -7.01
CA PHE A 107 2.07 -26.62 -6.24
C PHE A 107 1.52 -27.61 -5.24
N SER A 108 2.36 -28.58 -4.87
CA SER A 108 1.97 -29.62 -3.93
C SER A 108 3.20 -30.07 -3.17
N GLY A 109 2.95 -30.85 -2.12
CA GLY A 109 4.04 -31.33 -1.29
C GLY A 109 4.69 -30.18 -0.54
N GLN A 110 6.01 -30.11 -0.64
CA GLN A 110 6.77 -29.04 -0.02
C GLN A 110 7.18 -27.94 -1.00
N THR A 111 6.86 -28.08 -2.29
CA THR A 111 7.34 -27.13 -3.28
C THR A 111 6.65 -25.77 -3.15
N ILE A 112 7.40 -24.72 -3.47
CA ILE A 112 6.91 -23.35 -3.55
C ILE A 112 6.92 -22.94 -5.02
N PRO A 113 5.83 -22.41 -5.57
CA PRO A 113 5.80 -22.04 -6.99
C PRO A 113 6.69 -20.83 -7.25
N THR A 114 7.19 -20.70 -8.48
CA THR A 114 7.98 -19.54 -8.89
C THR A 114 7.12 -18.58 -9.69
N GLY A 115 7.04 -17.33 -9.25
CA GLY A 115 6.47 -16.29 -10.05
C GLY A 115 5.01 -15.94 -9.76
N GLY A 116 4.43 -16.50 -8.75
CA GLY A 116 3.07 -16.14 -8.43
C GLY A 116 3.00 -14.91 -7.55
N TRP A 117 1.83 -14.29 -7.53
CA TRP A 117 1.56 -13.18 -6.62
C TRP A 117 1.27 -13.74 -5.25
N VAL A 118 1.95 -13.20 -4.25
CA VAL A 118 1.78 -13.64 -2.87
C VAL A 118 1.41 -12.45 -2.00
N GLY A 119 0.39 -12.64 -1.17
CA GLY A 119 0.02 -11.65 -0.20
C GLY A 119 -0.14 -12.29 1.15
N PHE A 120 -0.18 -11.48 2.18
CA PHE A 120 -0.38 -11.98 3.53
C PHE A 120 -1.85 -11.81 3.92
N GLY A 121 -2.43 -12.85 4.49
CA GLY A 121 -3.84 -12.77 4.85
C GLY A 121 -4.28 -13.98 5.63
N GLU A 122 -5.59 -14.22 5.61
CA GLU A 122 -6.20 -15.22 6.47
C GLU A 122 -7.59 -15.52 5.92
N VAL A 123 -8.14 -16.62 6.39
CA VAL A 123 -9.55 -16.95 6.15
C VAL A 123 -10.35 -16.49 7.36
N TRP A 124 -11.62 -16.13 7.14
CA TRP A 124 -12.44 -15.58 8.22
C TRP A 124 -13.84 -16.20 8.24
N ASN A 125 -14.48 -16.06 9.39
CA ASN A 125 -15.74 -16.73 9.72
C ASN A 125 -16.93 -15.90 9.23
N VAL A 126 -17.72 -16.47 8.31
CA VAL A 126 -18.80 -15.68 7.74
C VAL A 126 -19.94 -15.43 8.72
N ALA A 127 -20.00 -16.17 9.82
CA ALA A 127 -21.05 -15.92 10.82
C ALA A 127 -20.86 -14.58 11.51
N ASN A 128 -19.62 -14.13 11.70
CA ASN A 128 -19.41 -12.97 12.55
C ASN A 128 -18.25 -12.07 12.13
N GLY A 129 -17.52 -12.40 11.08
CA GLY A 129 -16.41 -11.57 10.65
C GLY A 129 -15.12 -11.81 11.37
N SER A 130 -15.10 -12.69 12.34
CA SER A 130 -13.89 -12.93 13.11
C SER A 130 -12.93 -13.80 12.31
N PRO A 131 -11.63 -13.55 12.43
CA PRO A 131 -10.67 -14.37 11.69
C PRO A 131 -10.63 -15.77 12.26
N TYR A 132 -10.26 -16.71 11.40
CA TYR A 132 -9.77 -18.02 11.87
C TYR A 132 -8.28 -17.79 12.05
N ASN A 133 -7.88 -17.52 13.29
CA ASN A 133 -6.62 -16.84 13.46
C ASN A 133 -5.42 -17.75 13.26
N GLY A 134 -5.63 -19.05 13.21
CA GLY A 134 -4.60 -19.99 12.87
C GLY A 134 -4.39 -20.19 11.39
N THR A 135 -5.09 -19.44 10.53
CA THR A 135 -4.93 -19.54 9.09
C THR A 135 -4.13 -18.39 8.51
N VAL A 136 -3.56 -17.51 9.34
CA VAL A 136 -2.73 -16.45 8.79
C VAL A 136 -1.53 -17.08 8.09
N GLN A 137 -1.22 -16.59 6.90
CA GLN A 137 -0.04 -17.05 6.17
C GLN A 137 0.19 -16.15 4.98
N ALA A 138 1.29 -16.42 4.27
CA ALA A 138 1.51 -15.93 2.92
C ALA A 138 0.76 -16.85 1.96
N TYR A 139 -0.12 -16.28 1.14
CA TYR A 139 -0.96 -17.03 0.21
C TYR A 139 -0.62 -16.58 -1.21
N GLU A 140 -0.47 -17.54 -2.11
CA GLU A 140 -0.46 -17.24 -3.53
C GLU A 140 -1.91 -17.02 -3.97
N LEU A 141 -2.19 -15.89 -4.63
CA LEU A 141 -3.52 -15.63 -5.16
C LEU A 141 -3.45 -15.53 -6.67
N GLY A 142 -4.49 -16.02 -7.33
CA GLY A 142 -4.56 -15.86 -8.76
C GLY A 142 -5.79 -16.55 -9.30
N PHE A 143 -5.88 -16.53 -10.62
CA PHE A 143 -6.95 -17.18 -11.36
C PHE A 143 -6.50 -18.57 -11.80
N ALA A 144 -7.44 -19.51 -11.75
CA ALA A 144 -7.08 -20.90 -11.99
C ALA A 144 -8.30 -21.69 -12.45
N THR A 145 -8.02 -22.93 -12.89
CA THR A 145 -9.02 -23.99 -12.90
C THR A 145 -8.51 -25.13 -12.03
N GLY A 146 -9.43 -26.03 -11.69
CA GLY A 146 -9.06 -27.23 -10.98
C GLY A 146 -8.98 -27.11 -9.48
N ALA A 147 -9.35 -25.97 -8.90
CA ALA A 147 -9.33 -25.90 -7.45
C ALA A 147 -10.45 -26.78 -6.87
N PRO A 148 -10.23 -27.37 -5.69
CA PRO A 148 -9.11 -27.09 -4.81
C PRO A 148 -7.82 -27.83 -5.04
N ASN A 149 -7.80 -29.08 -5.51
CA ASN A 149 -6.57 -29.86 -5.38
C ASN A 149 -5.96 -30.27 -6.72
N SER A 150 -6.37 -29.66 -7.82
CA SER A 150 -5.69 -29.82 -9.11
C SER A 150 -5.51 -28.46 -9.80
N ILE A 151 -4.94 -27.50 -9.09
CA ILE A 151 -4.92 -26.11 -9.57
C ILE A 151 -3.96 -25.95 -10.75
N ASN A 152 -4.44 -25.28 -11.79
CA ASN A 152 -3.63 -24.90 -12.95
C ASN A 152 -3.95 -23.45 -13.26
N PRO A 153 -2.95 -22.63 -13.58
CA PRO A 153 -3.22 -21.21 -13.78
C PRO A 153 -4.12 -20.98 -14.99
N ALA A 154 -4.93 -19.92 -14.90
CA ALA A 154 -5.78 -19.48 -15.98
C ALA A 154 -5.43 -18.06 -16.38
N THR A 155 -5.72 -17.72 -17.65
CA THR A 155 -5.44 -16.41 -18.22
C THR A 155 -6.71 -15.63 -18.52
N THR A 156 -7.89 -16.19 -18.24
CA THR A 156 -9.15 -15.52 -18.52
C THR A 156 -10.02 -15.52 -17.26
N THR A 157 -10.88 -14.52 -17.16
CA THR A 157 -11.89 -14.43 -16.11
C THR A 157 -13.14 -15.26 -16.41
N VAL A 158 -13.27 -15.78 -17.63
CA VAL A 158 -14.47 -16.49 -18.03
C VAL A 158 -14.39 -17.94 -17.59
N GLY A 159 -15.34 -18.35 -16.75
CA GLY A 159 -15.50 -19.74 -16.37
C GLY A 159 -14.37 -20.31 -15.55
N THR A 160 -13.67 -19.46 -14.81
CA THR A 160 -12.52 -19.86 -14.01
C THR A 160 -12.80 -19.60 -12.54
N GLN A 161 -11.76 -19.80 -11.74
CA GLN A 161 -11.84 -19.65 -10.29
C GLN A 161 -10.79 -18.64 -9.84
N ILE A 162 -11.09 -18.03 -8.70
CA ILE A 162 -10.09 -17.30 -7.94
C ILE A 162 -9.67 -18.17 -6.77
N VAL A 163 -8.37 -18.20 -6.50
CA VAL A 163 -7.79 -19.12 -5.53
C VAL A 163 -6.79 -18.35 -4.68
N ALA A 164 -6.74 -18.71 -3.40
CA ALA A 164 -5.65 -18.37 -2.49
C ALA A 164 -5.14 -19.67 -1.90
N LYS A 165 -3.84 -19.92 -1.97
CA LYS A 165 -3.27 -21.14 -1.41
C LYS A 165 -2.01 -20.79 -0.63
N SER A 166 -1.95 -21.22 0.63
CA SER A 166 -0.81 -20.81 1.44
C SER A 166 0.45 -21.48 0.93
N ILE A 167 1.53 -20.69 0.83
CA ILE A 167 2.78 -21.22 0.30
C ILE A 167 3.55 -21.94 1.40
N TYR A 168 3.21 -21.67 2.65
CA TYR A 168 3.77 -22.31 3.82
C TYR A 168 2.62 -22.82 4.69
N GLY A 169 2.92 -23.69 5.66
CA GLY A 169 1.88 -24.25 6.50
C GLY A 169 1.31 -23.24 7.47
N VAL A 170 -0.03 -23.30 7.63
CA VAL A 170 -0.70 -22.51 8.68
C VAL A 170 -0.65 -23.23 10.01
N ALA A 171 -0.85 -22.47 11.09
CA ALA A 171 -0.83 -23.08 12.42
C ALA A 171 -1.99 -24.05 12.61
N ILE A 172 -3.21 -23.65 12.25
CA ILE A 172 -4.40 -24.47 12.47
C ILE A 172 -5.27 -24.38 11.22
N GLY A 173 -5.33 -25.45 10.46
CA GLY A 173 -6.12 -25.42 9.24
C GLY A 173 -7.61 -25.34 9.51
N GLN A 174 -8.36 -24.90 8.48
CA GLN A 174 -9.82 -24.84 8.53
C GLN A 174 -10.41 -25.50 7.30
N ASN A 175 -11.36 -26.40 7.54
CA ASN A 175 -12.24 -26.97 6.52
C ASN A 175 -13.58 -26.30 6.73
N GLN A 176 -13.94 -25.37 5.84
CA GLN A 176 -15.19 -24.64 5.94
C GLN A 176 -15.79 -24.58 4.55
N GLN A 177 -17.00 -25.13 4.40
CA GLN A 177 -17.66 -25.06 3.10
C GLN A 177 -17.92 -23.63 2.68
N THR A 178 -18.09 -22.72 3.65
CA THR A 178 -18.23 -21.30 3.39
C THR A 178 -17.33 -20.52 4.34
N ALA A 179 -16.43 -19.71 3.77
CA ALA A 179 -15.48 -18.94 4.54
C ALA A 179 -15.07 -17.73 3.73
N GLY A 180 -14.69 -16.66 4.43
CA GLY A 180 -14.23 -15.49 3.73
C GLY A 180 -12.71 -15.47 3.60
N LEU A 181 -12.25 -14.63 2.70
CA LEU A 181 -10.83 -14.39 2.48
C LEU A 181 -10.53 -12.92 2.75
N PHE A 182 -9.41 -12.67 3.43
CA PHE A 182 -8.90 -11.32 3.62
C PHE A 182 -7.40 -11.34 3.36
N VAL A 183 -6.93 -10.51 2.42
CA VAL A 183 -5.50 -10.44 2.09
C VAL A 183 -5.11 -8.98 1.87
N LEU A 184 -3.94 -8.57 2.35
CA LEU A 184 -3.49 -7.21 2.00
C LEU A 184 -3.14 -7.12 0.50
N SER A 185 -3.28 -5.91 -0.07
CA SER A 185 -3.10 -5.77 -1.52
C SER A 185 -1.66 -5.51 -1.95
N THR A 186 -0.74 -5.36 -0.99
CA THR A 186 0.70 -5.23 -1.26
C THR A 186 1.26 -6.63 -1.47
N GLY A 187 1.67 -6.94 -2.69
CA GLY A 187 2.16 -8.25 -3.02
C GLY A 187 3.68 -8.37 -3.05
N ILE A 188 4.12 -9.63 -2.92
CA ILE A 188 5.48 -10.05 -3.20
C ILE A 188 5.40 -11.18 -4.23
N VAL A 189 6.53 -11.55 -4.82
CA VAL A 189 6.52 -12.68 -5.77
C VAL A 189 7.01 -13.94 -5.09
N SER A 190 6.39 -15.06 -5.43
CA SER A 190 6.80 -16.35 -4.88
C SER A 190 8.13 -16.81 -5.51
N THR A 191 9.06 -17.16 -4.66
CA THR A 191 10.31 -17.81 -5.08
C THR A 191 10.72 -18.76 -3.97
N SER A 192 11.61 -19.68 -4.34
CA SER A 192 12.21 -20.63 -3.42
C SER A 192 13.73 -20.52 -3.56
N GLY A 193 14.45 -20.50 -2.45
CA GLY A 193 15.87 -20.24 -2.54
C GLY A 193 16.18 -18.79 -2.79
N PRO A 194 17.43 -18.48 -3.12
CA PRO A 194 17.89 -17.09 -3.20
C PRO A 194 17.70 -16.34 -4.51
N ASN A 195 17.40 -17.02 -5.61
CA ASN A 195 17.44 -16.40 -6.91
C ASN A 195 16.24 -15.50 -7.18
N ALA A 196 16.50 -14.38 -7.83
CA ALA A 196 15.44 -13.63 -8.47
C ALA A 196 14.96 -14.38 -9.71
N THR A 197 13.73 -14.13 -10.07
CA THR A 197 13.13 -14.65 -11.29
C THR A 197 12.96 -13.54 -12.30
N THR A 198 12.34 -13.86 -13.44
CA THR A 198 12.06 -12.86 -14.44
C THR A 198 11.12 -11.75 -13.92
N TYR A 199 11.05 -10.68 -14.68
CA TYR A 199 10.12 -9.61 -14.31
C TYR A 199 8.72 -10.18 -14.22
N THR A 200 7.96 -9.74 -13.22
CA THR A 200 6.72 -10.41 -12.86
C THR A 200 5.57 -9.40 -12.80
N PRO A 201 4.44 -9.68 -13.42
CA PRO A 201 4.12 -10.86 -14.25
C PRO A 201 4.69 -10.76 -15.65
N GLN A 202 5.08 -11.90 -16.19
CA GLN A 202 5.37 -11.99 -17.61
C GLN A 202 4.10 -11.82 -18.42
N PRO A 203 4.20 -11.45 -19.71
CA PRO A 203 2.99 -11.20 -20.50
C PRO A 203 2.00 -12.33 -20.45
N ASN A 204 2.45 -13.58 -20.57
CA ASN A 204 1.50 -14.67 -20.66
C ASN A 204 0.94 -15.11 -19.32
N SER A 205 1.29 -14.42 -18.23
CA SER A 205 0.72 -14.71 -16.94
C SER A 205 -0.39 -13.75 -16.55
N ILE A 206 -0.63 -12.71 -17.34
CA ILE A 206 -1.61 -11.68 -16.99
C ILE A 206 -3.01 -12.14 -17.38
N VAL A 207 -3.93 -11.98 -16.46
CA VAL A 207 -5.34 -12.35 -16.61
C VAL A 207 -6.10 -11.13 -17.07
N VAL A 208 -6.90 -11.26 -18.13
CA VAL A 208 -7.73 -10.14 -18.59
C VAL A 208 -9.17 -10.60 -18.77
N ALA A 209 -10.07 -9.63 -18.68
CA ALA A 209 -11.50 -9.84 -18.83
C ALA A 209 -11.92 -9.63 -20.27
N PRO A 210 -13.06 -10.18 -20.67
CA PRO A 210 -13.53 -10.00 -22.04
C PRO A 210 -13.65 -8.53 -22.42
N GLY A 211 -13.22 -8.21 -23.64
CA GLY A 211 -13.24 -6.85 -24.11
C GLY A 211 -11.96 -6.08 -23.91
N THR A 212 -11.04 -6.58 -23.10
CA THR A 212 -9.79 -5.89 -22.90
C THR A 212 -9.03 -5.77 -24.21
N PRO A 213 -8.69 -4.57 -24.67
CA PRO A 213 -7.87 -4.44 -25.88
C PRO A 213 -6.44 -4.82 -25.57
N ALA A 214 -5.79 -5.39 -26.58
CA ALA A 214 -4.38 -5.72 -26.47
C ALA A 214 -3.52 -4.50 -26.79
N ALA A 215 -2.29 -4.51 -26.28
CA ALA A 215 -1.26 -3.56 -26.73
C ALA A 215 -0.39 -4.31 -27.72
N ALA A 216 -0.60 -4.04 -28.97
CA ALA A 216 0.19 -4.74 -29.96
C ALA A 216 1.30 -3.86 -30.47
N PRO A 217 2.42 -4.43 -30.89
CA PRO A 217 3.47 -3.60 -31.49
C PRO A 217 2.99 -3.00 -32.80
N ILE A 218 3.51 -1.82 -33.10
CA ILE A 218 3.28 -1.13 -34.37
C ILE A 218 4.67 -0.82 -34.90
N GLY A 219 5.18 -1.65 -35.81
CA GLY A 219 6.54 -1.44 -36.30
C GLY A 219 7.58 -1.56 -35.20
N ARG A 220 8.46 -0.57 -35.13
CA ARG A 220 9.46 -0.55 -34.08
C ARG A 220 8.87 -0.05 -32.77
N ASN A 221 7.64 0.46 -32.79
CA ASN A 221 7.02 0.95 -31.56
C ASN A 221 6.44 -0.24 -30.81
N VAL A 222 6.90 -0.47 -29.59
CA VAL A 222 6.48 -1.63 -28.83
C VAL A 222 5.93 -1.13 -27.50
N PRO A 223 4.98 -1.82 -26.93
CA PRO A 223 4.45 -1.37 -25.65
C PRO A 223 5.47 -1.60 -24.54
N VAL A 224 5.30 -0.82 -23.49
CA VAL A 224 6.26 -0.81 -22.39
C VAL A 224 5.47 -0.92 -21.09
N MET A 225 6.08 -1.55 -20.09
CA MET A 225 5.59 -1.54 -18.73
C MET A 225 6.55 -0.76 -17.86
N PHE A 226 6.08 -0.42 -16.67
CA PHE A 226 6.85 0.33 -15.69
C PHE A 226 7.29 -0.62 -14.60
N SER A 227 8.59 -0.60 -14.30
CA SER A 227 9.24 -1.63 -13.49
C SER A 227 9.73 -1.01 -12.19
N GLY A 228 9.51 -1.74 -11.11
CA GLY A 228 10.12 -1.42 -9.83
C GLY A 228 10.60 -2.67 -9.13
N VAL A 229 11.42 -2.46 -8.11
CA VAL A 229 11.93 -3.58 -7.34
C VAL A 229 10.86 -4.06 -6.37
N ILE A 230 10.64 -5.37 -6.33
CA ILE A 230 9.66 -5.99 -5.47
C ILE A 230 10.33 -7.06 -4.61
N ARG A 231 9.68 -7.38 -3.51
CA ARG A 231 10.15 -8.45 -2.66
C ARG A 231 9.83 -9.81 -3.24
N ARG A 232 10.62 -10.80 -2.84
CA ARG A 232 10.44 -12.19 -3.23
C ARG A 232 10.50 -13.07 -2.00
N ALA A 233 9.67 -14.11 -1.99
CA ALA A 233 9.47 -14.89 -0.77
C ALA A 233 10.72 -15.63 -0.32
N GLY A 234 11.52 -16.15 -1.25
CA GLY A 234 12.66 -17.00 -0.91
C GLY A 234 13.85 -16.27 -0.32
N ASP A 235 13.99 -14.96 -0.61
CA ASP A 235 15.03 -14.08 -0.02
C ASP A 235 14.29 -12.77 0.23
N ILE A 236 13.58 -12.76 1.36
CA ILE A 236 12.69 -11.65 1.65
C ILE A 236 13.45 -10.36 1.91
N ASN A 237 14.72 -10.44 2.25
CA ASN A 237 15.47 -9.23 2.52
C ASN A 237 16.11 -8.63 1.28
N ALA A 238 16.13 -9.37 0.16
CA ALA A 238 16.74 -8.82 -1.05
C ALA A 238 16.01 -7.56 -1.49
N GLY A 239 16.80 -6.57 -1.90
CA GLY A 239 16.32 -5.33 -2.46
C GLY A 239 17.11 -4.98 -3.71
N ALA A 240 17.16 -3.68 -3.99
CA ALA A 240 17.84 -3.22 -5.18
C ALA A 240 19.33 -3.50 -5.06
N GLY A 241 19.88 -4.20 -6.04
CA GLY A 241 21.31 -4.45 -6.04
C GLY A 241 21.78 -5.62 -5.22
N SER A 242 20.88 -6.48 -4.74
CA SER A 242 21.25 -7.69 -4.02
C SER A 242 22.23 -8.54 -4.81
N VAL A 243 23.20 -9.10 -4.08
CA VAL A 243 24.14 -10.01 -4.73
C VAL A 243 23.44 -11.26 -5.24
N ASN A 244 22.23 -11.56 -4.77
CA ASN A 244 21.48 -12.72 -5.24
C ASN A 244 20.63 -12.39 -6.47
N GLY A 245 20.72 -11.17 -6.97
CA GLY A 245 19.91 -10.73 -8.09
C GLY A 245 18.78 -9.82 -7.65
N THR A 246 18.42 -8.88 -8.51
CA THR A 246 17.36 -7.91 -8.21
C THR A 246 16.08 -8.38 -8.88
N GLN A 247 14.99 -8.36 -8.12
CA GLN A 247 13.68 -8.79 -8.59
C GLN A 247 12.84 -7.59 -9.00
N TYR A 248 12.30 -7.63 -10.23
CA TYR A 248 11.45 -6.58 -10.75
C TYR A 248 10.01 -7.05 -10.87
N GLY A 249 9.11 -6.13 -10.54
CA GLY A 249 7.69 -6.26 -10.83
C GLY A 249 7.29 -5.17 -11.79
N VAL A 250 6.31 -5.47 -12.62
CA VAL A 250 5.90 -4.54 -13.66
C VAL A 250 4.42 -4.22 -13.54
N GLY A 251 4.06 -3.02 -14.00
CA GLY A 251 2.68 -2.63 -14.19
C GLY A 251 2.53 -1.86 -15.49
N SER A 252 1.31 -1.84 -15.99
CA SER A 252 1.04 -1.21 -17.26
C SER A 252 1.02 0.31 -17.21
N GLN A 253 0.80 0.90 -16.04
CA GLN A 253 0.71 2.35 -15.92
C GLN A 253 1.31 2.78 -14.60
N PRO A 254 1.84 4.00 -14.52
CA PRO A 254 2.02 4.61 -13.19
C PRO A 254 0.65 4.87 -12.57
N ILE A 255 0.54 4.60 -11.27
CA ILE A 255 -0.76 4.67 -10.62
C ILE A 255 -1.29 6.10 -10.64
N SER A 256 -0.40 7.09 -10.65
CA SER A 256 -0.88 8.46 -10.78
C SER A 256 -1.56 8.70 -12.12
N VAL A 257 -1.10 8.03 -13.18
CA VAL A 257 -1.76 8.13 -14.47
C VAL A 257 -3.12 7.47 -14.39
N THR A 258 -3.17 6.25 -13.84
CA THR A 258 -4.43 5.53 -13.72
C THR A 258 -5.44 6.40 -13.01
N LEU A 259 -5.02 7.00 -11.91
CA LEU A 259 -5.95 7.79 -11.12
C LEU A 259 -6.46 8.99 -11.92
N GLN A 260 -5.56 9.71 -12.59
CA GLN A 260 -5.97 10.84 -13.41
C GLN A 260 -6.96 10.43 -14.48
N LEU A 261 -6.71 9.29 -15.15
CA LEU A 261 -7.62 8.84 -16.20
C LEU A 261 -8.96 8.40 -15.66
N SER A 262 -9.03 7.99 -14.39
CA SER A 262 -10.30 7.59 -13.80
C SER A 262 -11.15 8.78 -13.39
N LEU A 263 -10.55 9.97 -13.32
CA LEU A 263 -11.22 11.17 -12.84
C LEU A 263 -11.59 12.13 -13.96
N THR A 264 -10.93 12.04 -15.11
CA THR A 264 -11.15 12.92 -16.25
C THR A 264 -11.19 12.10 -17.52
N ASN A 265 -12.09 12.45 -18.43
CA ASN A 265 -12.23 11.76 -19.70
C ASN A 265 -11.44 12.51 -20.76
N TYR A 266 -10.56 11.79 -21.46
CA TYR A 266 -9.65 12.37 -22.43
C TYR A 266 -10.03 12.04 -23.88
N SER A 267 -11.27 11.61 -24.13
CA SER A 267 -11.61 11.16 -25.48
C SER A 267 -11.51 12.29 -26.50
N SER A 268 -11.68 13.55 -26.06
CA SER A 268 -11.55 14.66 -27.00
C SER A 268 -10.11 15.08 -27.23
N SER A 269 -9.15 14.48 -26.51
CA SER A 269 -7.74 14.85 -26.61
C SER A 269 -6.93 13.90 -27.48
N LEU A 270 -7.42 12.69 -27.68
CA LEU A 270 -6.67 11.70 -28.43
C LEU A 270 -7.69 10.72 -28.99
N GLN A 271 -7.46 10.31 -30.23
CA GLN A 271 -8.35 9.40 -30.93
C GLN A 271 -7.55 8.23 -31.47
N PRO A 272 -8.22 7.13 -31.80
CA PRO A 272 -7.50 5.94 -32.27
C PRO A 272 -6.56 6.26 -33.42
N GLY A 273 -5.41 5.58 -33.43
CA GLY A 273 -4.38 5.85 -34.40
C GLY A 273 -3.36 6.89 -33.98
N GLN A 274 -3.53 7.51 -32.82
CA GLN A 274 -2.60 8.55 -32.37
C GLN A 274 -1.94 8.16 -31.04
N PHE A 275 -0.74 8.69 -30.84
CA PHE A 275 -0.10 8.71 -29.54
C PHE A 275 -0.02 10.16 -29.05
N PHE A 276 -0.09 10.35 -27.74
CA PHE A 276 0.46 11.54 -27.14
C PHE A 276 1.89 11.21 -26.74
N VAL A 277 2.84 12.05 -27.16
CA VAL A 277 4.26 11.75 -27.04
C VAL A 277 4.92 12.71 -26.06
N TRP A 278 5.80 12.16 -25.24
CA TRP A 278 6.71 12.92 -24.41
C TRP A 278 8.14 12.53 -24.73
N GLN A 279 9.07 13.45 -24.47
CA GLN A 279 10.50 13.18 -24.59
C GLN A 279 11.11 12.99 -23.22
N LEU A 280 11.82 11.88 -23.04
CA LEU A 280 12.59 11.58 -21.83
C LEU A 280 14.05 11.95 -22.09
N ASN A 281 14.54 12.96 -21.40
CA ASN A 281 15.92 13.42 -21.59
C ASN A 281 16.80 12.86 -20.51
N PHE A 282 17.83 12.12 -20.91
CA PHE A 282 18.77 11.50 -20.00
C PHE A 282 20.08 12.28 -20.05
N ALA A 283 20.99 11.91 -19.14
CA ALA A 283 22.33 12.49 -19.15
C ALA A 283 22.94 12.47 -20.55
N SER A 284 22.89 11.32 -21.21
CA SER A 284 23.53 11.14 -22.51
C SER A 284 22.56 10.46 -23.48
N GLY A 285 21.55 11.19 -23.89
CA GLY A 285 20.63 10.72 -24.90
C GLY A 285 19.20 11.01 -24.52
N PHE A 286 18.30 10.49 -25.33
CA PHE A 286 16.88 10.69 -25.08
C PHE A 286 16.09 9.63 -25.80
N LEU A 287 14.84 9.46 -25.36
CA LEU A 287 13.91 8.61 -26.06
C LEU A 287 12.53 9.23 -25.93
N GLU A 288 11.65 8.88 -26.87
CA GLU A 288 10.26 9.32 -26.84
C GLU A 288 9.39 8.19 -26.33
N ILE A 289 8.38 8.54 -25.56
CA ILE A 289 7.38 7.59 -25.07
C ILE A 289 6.00 8.07 -25.49
N GLY A 290 5.17 7.15 -25.95
CA GLY A 290 3.85 7.48 -26.45
C GLY A 290 2.77 6.80 -25.61
N LEU A 291 1.62 7.45 -25.50
CA LEU A 291 0.44 6.91 -24.82
C LEU A 291 -0.68 6.80 -25.85
N ASN A 292 -1.31 5.63 -25.91
CA ASN A 292 -2.43 5.43 -26.83
C ASN A 292 -3.79 5.52 -26.12
N VAL A 293 -4.87 5.47 -26.91
CA VAL A 293 -6.19 5.73 -26.35
C VAL A 293 -6.63 4.64 -25.40
N ASP A 294 -6.03 3.44 -25.51
CA ASP A 294 -6.34 2.36 -24.60
C ASP A 294 -5.56 2.43 -23.30
N GLY A 295 -4.76 3.48 -23.12
CA GLY A 295 -4.02 3.69 -21.90
C GLY A 295 -2.69 2.98 -21.86
N TYR A 296 -2.24 2.43 -22.97
CA TYR A 296 -0.94 1.77 -22.96
C TYR A 296 0.15 2.72 -23.43
N PHE A 297 1.33 2.55 -22.87
CA PHE A 297 2.50 3.33 -23.25
C PHE A 297 3.39 2.54 -24.18
N TYR A 298 4.11 3.25 -25.04
CA TYR A 298 4.95 2.66 -26.09
C TYR A 298 6.29 3.37 -26.16
N ILE A 299 7.31 2.64 -26.59
CA ILE A 299 8.62 3.22 -26.92
C ILE A 299 9.11 2.56 -28.19
N GLY A 300 10.09 3.20 -28.83
CA GLY A 300 10.63 2.62 -30.06
C GLY A 300 11.81 1.68 -29.90
N ALA A 301 11.66 0.63 -29.10
CA ALA A 301 12.76 -0.28 -28.81
C ALA A 301 12.88 -1.46 -29.78
N GLY A 302 11.92 -1.67 -30.66
CA GLY A 302 12.04 -2.79 -31.59
C GLY A 302 12.06 -4.12 -30.84
N ALA A 303 12.96 -5.01 -31.25
CA ALA A 303 12.99 -6.35 -30.68
C ALA A 303 13.72 -6.45 -29.34
N SER A 304 14.08 -5.33 -28.72
CA SER A 304 14.82 -5.36 -27.48
C SER A 304 13.85 -5.42 -26.31
N SER A 305 14.11 -6.33 -25.38
CA SER A 305 13.41 -6.36 -24.10
C SER A 305 14.33 -5.96 -22.96
N ASN A 306 15.48 -5.37 -23.27
CA ASN A 306 16.35 -4.94 -22.19
C ASN A 306 15.69 -3.81 -21.42
N MET A 307 15.78 -3.90 -20.11
CA MET A 307 15.27 -2.85 -19.24
C MET A 307 15.99 -1.54 -19.51
N ILE A 308 15.26 -0.44 -19.44
CA ILE A 308 15.83 0.90 -19.53
C ILE A 308 15.80 1.49 -18.12
N GLU A 309 16.98 1.65 -17.52
CA GLU A 309 17.10 2.22 -16.20
C GLU A 309 16.81 3.71 -16.26
N LEU A 310 16.10 4.21 -15.26
CA LEU A 310 15.72 5.61 -15.20
C LEU A 310 16.64 6.41 -14.28
N THR A 311 17.70 5.79 -13.76
CA THR A 311 18.58 6.48 -12.82
C THR A 311 19.12 7.79 -13.37
N GLU A 312 19.47 7.82 -14.65
CA GLU A 312 20.05 9.02 -15.26
C GLU A 312 19.03 9.87 -16.00
N LEU A 313 17.74 9.63 -15.76
CA LEU A 313 16.72 10.49 -16.36
C LEU A 313 16.79 11.88 -15.74
N ILE A 314 16.78 12.91 -16.58
CA ILE A 314 16.79 14.29 -16.11
C ILE A 314 15.39 14.88 -16.09
N ASP A 315 14.69 14.85 -17.22
CA ASP A 315 13.34 15.39 -17.22
C ASP A 315 12.50 14.78 -18.33
N VAL A 316 11.20 15.03 -18.20
CA VAL A 316 10.16 14.62 -19.14
C VAL A 316 9.58 15.91 -19.74
N ARG A 317 9.52 15.98 -21.07
CA ARG A 317 8.97 17.13 -21.77
C ARG A 317 7.89 16.68 -22.74
N PRO A 318 6.69 17.27 -22.71
CA PRO A 318 5.67 16.90 -23.69
C PRO A 318 6.07 17.34 -25.09
N VAL A 319 5.68 16.52 -26.06
CA VAL A 319 5.93 16.79 -27.47
C VAL A 319 4.63 17.09 -28.21
N GLY A 320 3.60 16.27 -28.00
CA GLY A 320 2.29 16.48 -28.55
C GLY A 320 1.76 15.22 -29.22
N VAL A 321 0.66 15.40 -29.94
CA VAL A 321 -0.02 14.30 -30.62
C VAL A 321 0.71 13.97 -31.90
N ARG A 322 0.93 12.68 -32.16
CA ARG A 322 1.62 12.17 -33.34
C ARG A 322 0.92 10.89 -33.80
N PRO A 323 1.11 10.49 -35.06
CA PRO A 323 0.55 9.21 -35.51
C PRO A 323 1.26 8.07 -34.82
N ASN A 324 0.50 7.03 -34.50
CA ASN A 324 1.14 5.90 -33.82
C ASN A 324 2.04 5.10 -34.74
N THR A 325 2.00 5.34 -36.06
CA THR A 325 2.85 4.67 -37.03
C THR A 325 4.20 5.35 -37.20
N SER A 326 4.35 6.58 -36.70
CA SER A 326 5.64 7.24 -36.74
C SER A 326 6.53 6.63 -35.67
N THR A 327 7.75 6.28 -36.06
CA THR A 327 8.65 5.61 -35.13
C THR A 327 9.03 6.56 -34.00
N LEU A 328 8.83 6.12 -32.76
CA LEU A 328 9.31 6.85 -31.61
C LEU A 328 10.83 6.82 -31.55
N VAL A 329 11.45 7.99 -31.35
CA VAL A 329 12.90 8.09 -31.37
C VAL A 329 13.48 7.37 -30.16
N PHE A 330 14.57 6.65 -30.40
CA PHE A 330 15.28 5.88 -29.39
C PHE A 330 16.75 6.21 -29.59
N ASN A 331 17.27 7.10 -28.75
CA ASN A 331 18.63 7.62 -28.94
C ASN A 331 19.37 7.53 -27.62
N LEU A 332 19.50 6.31 -27.11
CA LEU A 332 20.28 6.03 -25.92
C LEU A 332 21.50 5.20 -26.28
N SER B 1 3.82 28.42 -4.85
CA SER B 1 2.51 28.62 -4.14
C SER B 1 2.01 27.31 -3.54
N PRO B 2 1.67 27.31 -2.25
CA PRO B 2 1.13 26.10 -1.63
C PRO B 2 -0.25 25.72 -2.11
N ALA B 3 -0.90 26.55 -2.95
CA ALA B 3 -2.30 26.33 -3.27
C ALA B 3 -2.57 24.92 -3.79
N GLY B 4 -1.65 24.40 -4.60
CA GLY B 4 -1.86 23.10 -5.22
C GLY B 4 -1.72 21.93 -4.28
N LEU B 5 -1.32 22.17 -3.03
CA LEU B 5 -1.15 21.07 -2.07
C LEU B 5 -2.47 20.43 -1.70
N LEU B 6 -3.55 21.20 -1.69
CA LEU B 6 -4.87 20.66 -1.39
C LEU B 6 -5.78 21.00 -2.56
N THR B 7 -6.31 19.97 -3.21
CA THR B 7 -7.26 20.12 -4.30
C THR B 7 -8.46 19.23 -4.00
N THR B 8 -9.52 19.44 -4.78
CA THR B 8 -10.79 18.76 -4.51
C THR B 8 -10.66 17.25 -4.42
N PRO B 9 -9.96 16.55 -5.35
CA PRO B 9 -9.91 15.09 -5.26
C PRO B 9 -9.25 14.55 -4.00
N VAL B 10 -8.34 15.31 -3.39
CA VAL B 10 -7.69 14.85 -2.17
C VAL B 10 -8.72 14.56 -1.09
N LEU B 11 -9.79 15.36 -1.02
CA LEU B 11 -10.78 15.24 0.03
C LEU B 11 -12.12 14.66 -0.41
N THR B 12 -12.30 14.34 -1.69
CA THR B 12 -13.58 13.82 -2.15
C THR B 12 -13.50 12.34 -2.56
N GLY B 13 -12.41 11.65 -2.22
CA GLY B 13 -12.35 10.22 -2.40
C GLY B 13 -11.06 9.70 -2.97
N ALA B 14 -10.23 10.55 -3.57
CA ALA B 14 -8.98 10.13 -4.18
C ALA B 14 -7.76 10.34 -3.28
N GLY B 15 -7.94 10.79 -2.06
CA GLY B 15 -6.83 10.97 -1.15
C GLY B 15 -6.70 9.84 -0.16
N SER B 16 -5.51 9.73 0.43
CA SER B 16 -5.21 8.73 1.44
C SER B 16 -4.39 9.36 2.54
N ASP B 17 -4.59 8.87 3.77
CA ASP B 17 -3.83 9.43 4.89
C ASP B 17 -2.43 8.85 4.96
N ASN B 18 -1.53 9.59 5.62
CA ASN B 18 -0.11 9.28 5.65
C ASN B 18 0.31 8.30 6.74
N ARG B 19 -0.62 7.72 7.51
CA ARG B 19 -0.28 6.70 8.49
C ARG B 19 -0.83 5.32 8.15
N TRP B 20 -2.07 5.25 7.66
CA TRP B 20 -2.73 4.00 7.34
C TRP B 20 -2.89 3.80 5.84
N GLY B 21 -2.75 4.86 5.04
CA GLY B 21 -3.01 4.76 3.61
C GLY B 21 -4.48 4.58 3.26
N ALA B 22 -5.37 4.94 4.18
CA ALA B 22 -6.79 4.74 4.01
C ALA B 22 -7.41 5.91 3.25
N GLN B 23 -8.47 5.60 2.50
CA GLN B 23 -9.19 6.65 1.78
C GLN B 23 -9.72 7.71 2.74
N ILE B 24 -9.38 8.97 2.48
CA ILE B 24 -9.81 10.05 3.38
C ILE B 24 -11.30 10.32 3.17
N VAL B 25 -12.07 10.21 4.25
CA VAL B 25 -13.52 10.43 4.21
C VAL B 25 -13.99 11.37 5.30
N ALA B 26 -13.10 11.83 6.17
CA ALA B 26 -13.53 12.71 7.25
C ALA B 26 -12.32 13.48 7.76
N LEU B 27 -12.63 14.57 8.47
CA LEU B 27 -11.65 15.32 9.24
C LEU B 27 -11.90 15.09 10.72
N GLN B 28 -10.83 14.91 11.48
CA GLN B 28 -10.91 14.71 12.93
C GLN B 28 -10.25 15.87 13.66
N PRO B 29 -11.02 16.80 14.21
CA PRO B 29 -10.43 17.87 15.01
C PRO B 29 -9.82 17.33 16.29
N VAL B 30 -8.73 17.96 16.70
CA VAL B 30 -7.97 17.55 17.88
C VAL B 30 -7.81 18.80 18.75
N PRO B 31 -8.83 19.17 19.52
CA PRO B 31 -8.75 20.45 20.24
C PRO B 31 -7.59 20.54 21.20
N SER B 32 -7.13 19.42 21.75
CA SER B 32 -5.99 19.49 22.67
C SER B 32 -4.63 19.48 21.97
N GLY B 33 -4.58 19.33 20.65
CA GLY B 33 -3.33 19.30 19.93
C GLY B 33 -2.74 17.91 19.83
N PHE B 34 -1.73 17.79 18.99
CA PHE B 34 -1.00 16.54 18.86
C PHE B 34 0.33 16.82 18.19
N SER B 35 1.18 15.78 18.12
CA SER B 35 2.43 15.84 17.37
C SER B 35 2.49 14.64 16.44
N THR B 36 3.15 14.81 15.31
CA THR B 36 3.46 13.67 14.44
C THR B 36 4.72 13.99 13.66
N CYS B 37 5.61 13.03 13.54
CA CYS B 37 6.78 13.19 12.68
C CYS B 37 6.93 12.13 11.59
N ASN B 38 6.48 10.91 11.81
CA ASN B 38 6.75 9.85 10.84
C ASN B 38 5.89 10.03 9.61
N ARG B 39 6.52 10.03 8.44
CA ARG B 39 5.83 10.24 7.17
C ARG B 39 5.10 11.57 7.16
N HIS B 40 5.67 12.54 7.86
CA HIS B 40 5.14 13.89 7.93
C HIS B 40 6.25 14.84 7.51
N TRP B 41 5.93 15.70 6.55
CA TRP B 41 6.90 16.66 6.03
C TRP B 41 6.43 18.08 6.35
N ASN B 42 7.41 18.98 6.54
CA ASN B 42 7.14 20.40 6.72
C ASN B 42 7.31 21.15 5.40
N LEU B 43 7.11 22.47 5.46
CA LEU B 43 7.21 23.30 4.27
C LEU B 43 8.66 23.74 3.99
N ASN B 44 9.62 23.19 4.71
CA ASN B 44 11.05 23.37 4.46
C ASN B 44 11.70 22.08 3.97
N GLY B 45 10.92 21.22 3.29
CA GLY B 45 11.43 20.03 2.67
C GLY B 45 11.93 18.96 3.60
N SER B 46 11.52 18.98 4.88
CA SER B 46 12.16 18.15 5.89
C SER B 46 11.18 17.33 6.71
N THR B 47 11.67 16.19 7.18
CA THR B 47 10.95 15.34 8.14
C THR B 47 11.81 15.11 9.37
N PHE B 48 11.15 14.99 10.52
CA PHE B 48 11.78 14.50 11.73
C PHE B 48 11.59 13.01 11.93
N GLY B 49 10.86 12.34 11.04
CA GLY B 49 10.59 10.93 11.16
C GLY B 49 11.57 10.04 10.38
N TRP B 50 11.16 8.79 10.20
CA TRP B 50 12.05 7.75 9.66
C TRP B 50 11.47 7.06 8.43
N SER B 51 10.42 7.61 7.82
CA SER B 51 9.74 6.94 6.71
C SER B 51 9.62 7.84 5.49
N SER B 52 9.63 7.20 4.33
CA SER B 52 9.49 7.90 3.07
C SER B 52 8.02 8.15 2.80
N PRO B 53 7.73 9.09 1.91
CA PRO B 53 6.32 9.44 1.61
C PRO B 53 5.65 8.42 0.68
N ARG B 54 5.76 7.14 1.05
CA ARG B 54 5.13 6.03 0.35
C ARG B 54 5.01 4.91 1.35
N PHE B 55 4.32 3.85 0.93
CA PHE B 55 4.13 2.63 1.69
C PHE B 55 4.67 1.45 0.89
N SER B 56 5.55 0.69 1.50
CA SER B 56 5.99 -0.57 0.92
C SER B 56 6.06 -1.59 2.04
N ASP B 57 7.23 -1.69 2.67
CA ASP B 57 7.38 -2.70 3.70
C ASP B 57 8.38 -2.24 4.74
N ILE B 58 8.35 -2.96 5.86
CA ILE B 58 9.17 -2.72 7.03
C ILE B 58 10.18 -3.86 7.10
N ASP B 59 11.46 -3.53 7.08
CA ASP B 59 12.51 -4.55 7.12
C ASP B 59 13.61 -4.08 8.06
N HIS B 60 13.87 -4.86 9.10
CA HIS B 60 14.99 -4.59 9.98
C HIS B 60 15.87 -5.83 10.00
N PRO B 61 17.18 -5.71 9.81
CA PRO B 61 18.00 -6.91 9.66
C PRO B 61 18.61 -7.49 10.93
N ARG B 62 18.35 -6.94 12.12
CA ARG B 62 19.12 -7.37 13.29
C ARG B 62 18.30 -7.13 14.57
N GLY B 63 17.50 -8.11 14.93
CA GLY B 63 16.82 -8.11 16.21
C GLY B 63 16.91 -9.48 16.83
N ASN B 64 16.30 -9.60 18.00
CA ASN B 64 16.20 -10.87 18.72
C ASN B 64 14.82 -11.44 18.49
N ALA B 65 14.74 -12.74 18.22
CA ALA B 65 13.44 -13.41 18.10
C ALA B 65 13.29 -14.49 19.14
N SER B 66 12.11 -14.59 19.71
CA SER B 66 11.88 -15.60 20.72
C SER B 66 10.41 -15.96 20.77
N TYR B 67 10.11 -17.08 21.44
CA TYR B 67 8.72 -17.43 21.70
C TYR B 67 8.59 -17.98 23.10
N THR B 68 7.34 -18.05 23.60
CA THR B 68 7.07 -18.69 24.88
C THR B 68 6.14 -19.86 24.67
N GLY B 69 6.23 -20.84 25.58
CA GLY B 69 5.37 -21.99 25.58
C GLY B 69 6.06 -23.27 26.00
N THR B 70 5.28 -24.31 26.30
CA THR B 70 5.85 -25.62 26.62
C THR B 70 6.33 -26.36 25.38
N GLY B 71 5.77 -26.04 24.21
CA GLY B 71 6.26 -26.59 22.96
C GLY B 71 6.62 -25.45 22.04
N SER B 72 6.93 -25.77 20.79
CA SER B 72 7.35 -24.78 19.82
C SER B 72 6.33 -24.55 18.71
N THR B 73 5.10 -25.06 18.85
CA THR B 73 4.08 -24.96 17.81
C THR B 73 2.88 -24.19 18.35
N ASN B 74 2.31 -23.34 17.50
CA ASN B 74 1.17 -22.48 17.88
C ASN B 74 1.53 -21.61 19.09
N VAL B 75 2.60 -20.83 18.94
CA VAL B 75 3.18 -20.08 20.05
C VAL B 75 3.25 -18.60 19.68
N ILE B 76 3.35 -17.76 20.68
CA ILE B 76 3.46 -16.33 20.45
C ILE B 76 4.93 -15.98 20.23
N GLU B 77 5.21 -15.26 19.15
CA GLU B 77 6.55 -14.88 18.71
C GLU B 77 6.78 -13.39 18.97
N THR B 78 7.93 -13.05 19.59
CA THR B 78 8.31 -11.68 19.83
C THR B 78 9.65 -11.38 19.17
N TRP B 79 9.74 -10.23 18.54
CA TRP B 79 10.96 -9.72 17.93
C TRP B 79 11.21 -8.32 18.49
N TYR B 80 12.47 -7.99 18.80
CA TYR B 80 12.76 -6.63 19.25
C TYR B 80 14.17 -6.21 18.89
N ALA B 81 14.35 -4.89 18.82
CA ALA B 81 15.65 -4.25 18.69
C ALA B 81 15.56 -2.86 19.31
N ASN B 82 16.70 -2.21 19.51
CA ASN B 82 16.66 -0.85 20.02
C ASN B 82 16.34 0.13 18.91
N THR B 83 15.76 1.27 19.30
CA THR B 83 15.73 2.37 18.37
C THR B 83 17.17 2.79 18.04
N GLY B 84 17.34 3.39 16.87
CA GLY B 84 18.62 3.88 16.43
C GLY B 84 19.50 2.86 15.78
N THR B 85 18.98 1.67 15.46
CA THR B 85 19.76 0.58 14.87
C THR B 85 19.35 0.27 13.43
N ALA B 86 18.50 1.08 12.83
CA ALA B 86 18.11 0.86 11.42
C ALA B 86 19.12 1.57 10.52
N THR B 87 20.36 1.09 10.55
CA THR B 87 21.46 1.84 9.94
C THR B 87 21.44 1.78 8.42
N ASN B 88 20.64 0.90 7.84
CA ASN B 88 20.39 0.81 6.41
C ASN B 88 19.30 1.76 5.91
N ASN B 89 18.69 2.55 6.79
CA ASN B 89 17.62 3.47 6.39
C ASN B 89 18.22 4.84 6.16
N PRO B 90 18.22 5.34 4.92
CA PRO B 90 18.91 6.62 4.67
C PRO B 90 18.24 7.82 5.31
N ILE B 91 16.94 7.75 5.62
CA ILE B 91 16.24 8.88 6.21
C ILE B 91 16.67 9.07 7.65
N SER B 92 16.73 7.98 8.42
CA SER B 92 16.95 8.03 9.85
C SER B 92 17.25 6.62 10.32
N ASN B 93 18.19 6.47 11.26
CA ASN B 93 18.38 5.15 11.85
C ASN B 93 17.44 4.87 13.02
N ILE B 94 16.51 5.77 13.32
CA ILE B 94 15.60 5.54 14.45
C ILE B 94 14.88 4.21 14.34
N ALA B 95 14.29 3.94 13.18
CA ALA B 95 13.51 2.74 12.97
C ALA B 95 13.45 2.48 11.48
N PRO B 96 13.07 1.26 11.06
CA PRO B 96 12.94 0.99 9.64
C PRO B 96 11.90 1.90 9.02
N ASP B 97 12.15 2.23 7.75
CA ASP B 97 11.18 2.94 6.94
C ASP B 97 9.86 2.18 6.98
N GLY B 98 8.79 2.85 7.41
CA GLY B 98 7.47 2.26 7.50
C GLY B 98 7.09 1.79 8.90
N PHE B 99 8.04 1.70 9.81
CA PHE B 99 7.69 1.22 11.12
C PHE B 99 6.68 2.20 11.73
N PRO B 100 5.59 1.71 12.33
CA PRO B 100 4.53 2.63 12.76
C PRO B 100 4.91 3.46 13.97
N ASP B 101 4.47 4.71 13.97
CA ASP B 101 4.76 5.64 15.07
C ASP B 101 3.75 5.50 16.20
N MET B 102 3.59 4.29 16.71
CA MET B 102 2.62 4.02 17.75
C MET B 102 3.26 3.21 18.86
N GLY B 103 2.73 3.32 20.08
CA GLY B 103 3.23 2.49 21.18
C GLY B 103 2.76 1.05 21.09
N ALA B 104 3.64 0.12 21.42
CA ALA B 104 3.30 -1.28 21.50
C ALA B 104 2.72 -1.60 22.87
N ILE B 105 1.48 -2.03 22.89
CA ILE B 105 0.79 -2.41 24.12
C ILE B 105 1.13 -3.86 24.46
N GLY B 106 1.47 -4.10 25.73
CA GLY B 106 1.77 -5.45 26.16
C GLY B 106 0.52 -6.31 26.23
N PHE B 107 0.71 -7.61 26.00
CA PHE B 107 -0.36 -8.58 26.14
C PHE B 107 0.22 -9.96 26.42
N SER B 108 -0.59 -10.80 27.05
CA SER B 108 -0.18 -12.15 27.39
C SER B 108 -1.42 -13.02 27.56
N GLY B 109 -1.18 -14.32 27.73
CA GLY B 109 -2.29 -15.24 27.86
C GLY B 109 -3.11 -15.28 26.59
N GLN B 110 -4.43 -15.31 26.77
CA GLN B 110 -5.32 -15.42 25.62
C GLN B 110 -5.57 -14.07 24.96
N THR B 111 -5.59 -12.99 25.73
CA THR B 111 -6.20 -11.73 25.30
C THR B 111 -5.21 -10.86 24.54
N ILE B 112 -5.74 -10.04 23.64
CA ILE B 112 -4.91 -9.12 22.87
C ILE B 112 -5.34 -7.69 23.16
N PRO B 113 -4.48 -6.73 22.83
CA PRO B 113 -4.75 -5.35 23.22
C PRO B 113 -5.70 -4.70 22.24
N THR B 114 -6.32 -3.63 22.71
CA THR B 114 -7.17 -2.81 21.89
C THR B 114 -6.41 -1.57 21.47
N GLY B 115 -6.36 -1.33 20.16
CA GLY B 115 -5.86 -0.08 19.66
C GLY B 115 -4.42 -0.07 19.21
N GLY B 116 -3.76 -1.21 19.13
CA GLY B 116 -2.42 -1.29 18.63
C GLY B 116 -2.38 -1.42 17.11
N TRP B 117 -1.24 -1.05 16.55
CA TRP B 117 -1.01 -1.20 15.11
C TRP B 117 -0.59 -2.64 14.87
N VAL B 118 -1.26 -3.28 13.90
CA VAL B 118 -1.01 -4.68 13.57
C VAL B 118 -0.69 -4.79 12.09
N GLY B 119 0.34 -5.54 11.77
CA GLY B 119 0.71 -5.79 10.40
C GLY B 119 1.00 -7.27 10.23
N PHE B 120 1.02 -7.70 8.98
CA PHE B 120 1.29 -9.08 8.65
C PHE B 120 2.74 -9.22 8.22
N GLY B 121 3.42 -10.23 8.76
CA GLY B 121 4.80 -10.43 8.38
C GLY B 121 5.38 -11.66 9.03
N GLU B 122 6.71 -11.65 9.20
CA GLU B 122 7.42 -12.84 9.62
C GLU B 122 8.80 -12.40 10.08
N VAL B 123 9.49 -13.29 10.78
CA VAL B 123 10.91 -13.10 11.03
C VAL B 123 11.68 -13.94 10.00
N TRP B 124 12.93 -13.54 9.78
CA TRP B 124 13.73 -14.13 8.73
C TRP B 124 15.19 -14.35 9.13
N ASN B 125 15.83 -15.21 8.36
CA ASN B 125 17.14 -15.78 8.67
C ASN B 125 18.25 -14.87 8.13
N VAL B 126 19.05 -14.30 9.03
CA VAL B 126 20.05 -13.32 8.62
C VAL B 126 21.24 -13.91 7.87
N ALA B 127 21.42 -15.23 7.89
CA ALA B 127 22.51 -15.84 7.14
C ALA B 127 22.24 -15.81 5.64
N ASN B 128 20.97 -15.89 5.23
CA ASN B 128 20.69 -16.02 3.81
C ASN B 128 19.43 -15.31 3.32
N GLY B 129 18.70 -14.61 4.19
CA GLY B 129 17.53 -13.88 3.77
C GLY B 129 16.28 -14.70 3.70
N SER B 130 16.37 -16.01 3.91
CA SER B 130 15.20 -16.84 3.78
C SER B 130 14.27 -16.67 4.99
N PRO B 131 12.96 -16.76 4.79
CA PRO B 131 12.04 -16.63 5.93
C PRO B 131 12.14 -17.81 6.86
N TYR B 132 11.84 -17.56 8.13
CA TYR B 132 11.45 -18.64 9.03
C TYR B 132 9.95 -18.79 8.76
N ASN B 133 9.60 -19.71 7.86
CA ASN B 133 8.29 -19.60 7.24
C ASN B 133 7.16 -20.02 8.16
N GLY B 134 7.46 -20.61 9.32
CA GLY B 134 6.52 -20.91 10.36
C GLY B 134 6.26 -19.77 11.32
N THR B 135 6.85 -18.58 11.10
CA THR B 135 6.64 -17.42 11.94
C THR B 135 5.72 -16.38 11.32
N VAL B 136 5.08 -16.69 10.19
CA VAL B 136 4.16 -15.74 9.58
C VAL B 136 2.96 -15.55 10.50
N GLN B 137 2.58 -14.29 10.72
CA GLN B 137 1.40 -14.01 11.54
C GLN B 137 1.08 -12.53 11.41
N ALA B 138 -0.02 -12.15 12.08
CA ALA B 138 -0.32 -10.76 12.37
C ALA B 138 0.45 -10.39 13.64
N TYR B 139 1.21 -9.31 13.57
CA TYR B 139 2.07 -8.86 14.67
C TYR B 139 1.65 -7.45 15.07
N GLU B 140 1.55 -7.21 16.38
CA GLU B 140 1.48 -5.84 16.84
C GLU B 140 2.89 -5.27 16.80
N LEU B 141 3.05 -4.09 16.17
CA LEU B 141 4.34 -3.40 16.11
C LEU B 141 4.21 -2.07 16.84
N GLY B 142 5.28 -1.67 17.51
CA GLY B 142 5.30 -0.32 18.06
C GLY B 142 6.55 -0.11 18.87
N PHE B 143 6.60 1.06 19.51
CA PHE B 143 7.72 1.43 20.35
C PHE B 143 7.38 1.09 21.81
N ALA B 144 8.38 0.65 22.57
CA ALA B 144 8.12 0.09 23.89
C ALA B 144 9.38 0.19 24.74
N THR B 145 9.19 -0.07 26.04
CA THR B 145 10.26 -0.51 26.91
C THR B 145 9.88 -1.87 27.46
N GLY B 146 10.87 -2.54 28.05
CA GLY B 146 10.65 -3.82 28.72
C GLY B 146 10.55 -5.05 27.85
N ALA B 147 10.83 -4.94 26.56
CA ALA B 147 10.85 -6.14 25.72
C ALA B 147 12.01 -7.05 26.15
N PRO B 148 11.81 -8.39 26.10
CA PRO B 148 10.62 -9.05 25.61
C PRO B 148 9.55 -9.36 26.65
N ASN B 149 9.89 -9.41 27.94
CA ASN B 149 9.03 -10.05 28.91
C ASN B 149 8.10 -9.09 29.65
N SER B 150 8.29 -7.78 29.53
CA SER B 150 7.47 -6.80 30.24
C SER B 150 7.19 -5.58 29.36
N ILE B 151 6.63 -5.84 28.17
CA ILE B 151 6.45 -4.80 27.18
C ILE B 151 5.42 -3.80 27.66
N ASN B 152 5.78 -2.51 27.57
CA ASN B 152 4.88 -1.41 27.83
C ASN B 152 5.11 -0.32 26.79
N PRO B 153 4.06 0.36 26.35
CA PRO B 153 4.23 1.31 25.25
C PRO B 153 5.07 2.51 25.63
N ALA B 154 5.75 3.05 24.63
CA ALA B 154 6.50 4.28 24.75
C ALA B 154 6.05 5.24 23.67
N THR B 155 6.24 6.55 23.94
CA THR B 155 5.91 7.60 22.97
C THR B 155 7.11 8.43 22.56
N THR B 156 8.31 8.00 22.90
CA THR B 156 9.53 8.65 22.47
C THR B 156 10.41 7.61 21.81
N THR B 157 11.23 8.07 20.87
CA THR B 157 12.24 7.27 20.21
C THR B 157 13.52 7.19 21.00
N VAL B 158 13.64 7.94 22.10
CA VAL B 158 14.88 8.01 22.86
C VAL B 158 14.91 6.92 23.91
N GLY B 159 15.88 6.02 23.80
CA GLY B 159 16.09 5.03 24.83
C GLY B 159 15.03 3.95 24.86
N THR B 160 14.40 3.68 23.73
CA THR B 160 13.31 2.74 23.70
C THR B 160 13.63 1.62 22.71
N GLN B 161 12.67 0.71 22.59
CA GLN B 161 12.79 -0.42 21.69
C GLN B 161 11.71 -0.36 20.63
N ILE B 162 12.00 -1.00 19.50
CA ILE B 162 10.97 -1.33 18.52
C ILE B 162 10.67 -2.81 18.67
N VAL B 163 9.39 -3.17 18.70
CA VAL B 163 8.95 -4.52 19.03
C VAL B 163 7.90 -4.94 18.04
N ALA B 164 7.85 -6.25 17.81
CA ALA B 164 6.78 -6.90 17.06
C ALA B 164 6.40 -8.14 17.83
N LYS B 165 5.12 -8.33 18.12
CA LYS B 165 4.68 -9.49 18.88
C LYS B 165 3.44 -10.05 18.21
N SER B 166 3.45 -11.34 17.92
CA SER B 166 2.30 -11.90 17.20
C SER B 166 1.07 -11.91 18.10
N ILE B 167 -0.06 -11.50 17.54
CA ILE B 167 -1.29 -11.43 18.33
C ILE B 167 -1.99 -12.78 18.41
N TYR B 168 -1.64 -13.67 17.47
CA TYR B 168 -2.07 -15.04 17.45
C TYR B 168 -0.85 -15.94 17.34
N GLY B 169 -1.03 -17.24 17.56
CA GLY B 169 0.08 -18.19 17.53
C GLY B 169 0.65 -18.45 16.13
N VAL B 170 1.98 -18.50 16.07
CA VAL B 170 2.68 -18.91 14.85
C VAL B 170 2.76 -20.42 14.78
N ALA B 171 2.96 -20.93 13.56
CA ALA B 171 3.02 -22.38 13.38
C ALA B 171 4.23 -22.99 14.08
N ILE B 172 5.40 -22.39 13.91
CA ILE B 172 6.65 -22.92 14.47
C ILE B 172 7.45 -21.74 14.99
N GLY B 173 7.62 -21.67 16.32
CA GLY B 173 8.35 -20.56 16.89
C GLY B 173 9.84 -20.64 16.62
N GLN B 174 10.49 -19.49 16.76
CA GLN B 174 11.95 -19.38 16.60
C GLN B 174 12.54 -18.63 17.77
N ASN B 175 13.55 -19.24 18.42
CA ASN B 175 14.42 -18.57 19.38
C ASN B 175 15.74 -18.36 18.66
N GLN B 176 15.97 -17.14 18.20
CA GLN B 176 17.20 -16.80 17.47
C GLN B 176 17.92 -15.62 18.12
N GLN B 177 19.23 -15.78 18.34
CA GLN B 177 20.04 -14.66 18.82
C GLN B 177 19.89 -13.45 17.91
N THR B 178 19.83 -13.69 16.60
CA THR B 178 19.68 -12.64 15.60
C THR B 178 18.70 -13.12 14.56
N ALA B 179 17.70 -12.30 14.28
CA ALA B 179 16.74 -12.57 13.22
C ALA B 179 16.28 -11.24 12.66
N GLY B 180 15.89 -11.26 11.40
CA GLY B 180 15.35 -10.08 10.79
C GLY B 180 13.84 -10.04 10.91
N LEU B 181 13.28 -8.84 10.74
CA LEU B 181 11.84 -8.62 10.73
C LEU B 181 11.42 -8.17 9.33
N PHE B 182 10.30 -8.72 8.84
CA PHE B 182 9.68 -8.25 7.59
C PHE B 182 8.17 -8.15 7.81
N VAL B 183 7.60 -6.95 7.67
CA VAL B 183 6.16 -6.72 7.84
C VAL B 183 5.67 -5.75 6.78
N LEU B 184 4.46 -5.97 6.28
CA LEU B 184 3.92 -5.02 5.31
C LEU B 184 3.53 -3.72 6.02
N SER B 185 3.64 -2.58 5.28
CA SER B 185 3.55 -1.26 5.90
C SER B 185 2.13 -0.74 6.10
N THR B 186 1.13 -1.42 5.55
CA THR B 186 -0.26 -1.02 5.71
C THR B 186 -0.86 -1.85 6.84
N GLY B 187 -1.24 -1.17 7.91
CA GLY B 187 -1.68 -1.85 9.11
C GLY B 187 -3.19 -1.92 9.28
N ILE B 188 -3.57 -2.73 10.26
CA ILE B 188 -4.91 -2.79 10.81
C ILE B 188 -4.81 -2.46 12.30
N VAL B 189 -5.94 -2.20 12.93
CA VAL B 189 -5.94 -1.99 14.37
C VAL B 189 -6.31 -3.24 15.14
N SER B 190 -5.63 -3.48 16.27
CA SER B 190 -5.98 -4.63 17.08
C SER B 190 -7.29 -4.39 17.84
N THR B 191 -8.21 -5.34 17.71
CA THR B 191 -9.43 -5.41 18.50
C THR B 191 -9.76 -6.87 18.75
N SER B 192 -10.68 -7.09 19.70
CA SER B 192 -11.24 -8.37 20.06
C SER B 192 -12.76 -8.25 20.02
N GLY B 193 -13.43 -9.27 19.48
CA GLY B 193 -14.86 -9.18 19.29
C GLY B 193 -15.22 -8.25 18.17
N PRO B 194 -16.51 -7.92 18.06
CA PRO B 194 -17.01 -7.18 16.89
C PRO B 194 -16.85 -5.68 16.96
N ASN B 195 -16.61 -5.09 18.14
CA ASN B 195 -16.70 -3.63 18.29
C ASN B 195 -15.52 -2.88 17.70
N ALA B 196 -15.82 -1.70 17.12
CA ALA B 196 -14.81 -0.73 16.78
C ALA B 196 -14.34 -0.04 18.06
N THR B 197 -13.15 0.51 17.99
CA THR B 197 -12.61 1.31 19.08
C THR B 197 -12.56 2.77 18.67
N THR B 198 -11.93 3.60 19.51
CA THR B 198 -11.78 5.02 19.19
C THR B 198 -10.91 5.20 17.96
N TYR B 199 -10.94 6.40 17.40
CA TYR B 199 -10.08 6.65 16.25
C TYR B 199 -8.64 6.37 16.68
N THR B 200 -7.86 5.79 15.76
CA THR B 200 -6.55 5.25 16.10
C THR B 200 -5.48 5.80 15.16
N PRO B 201 -4.36 6.28 15.68
CA PRO B 201 -4.01 6.42 17.12
C PRO B 201 -4.59 7.66 17.73
N GLN B 202 -4.89 7.56 19.03
CA GLN B 202 -5.15 8.75 19.80
C GLN B 202 -3.87 9.56 19.98
N PRO B 203 -3.98 10.88 20.20
CA PRO B 203 -2.78 11.71 20.34
C PRO B 203 -1.78 11.19 21.35
N ASN B 204 -2.25 10.63 22.47
CA ASN B 204 -1.34 10.19 23.51
C ASN B 204 -0.65 8.86 23.21
N SER B 205 -0.86 8.30 22.03
CA SER B 205 -0.24 7.05 21.62
C SER B 205 0.77 7.25 20.51
N ILE B 206 0.92 8.48 19.99
CA ILE B 206 1.79 8.74 18.86
C ILE B 206 3.20 8.92 19.34
N VAL B 207 4.14 8.25 18.67
CA VAL B 207 5.56 8.31 18.97
C VAL B 207 6.20 9.39 18.12
N VAL B 208 6.97 10.28 18.76
CA VAL B 208 7.73 11.27 18.00
C VAL B 208 9.20 11.28 18.42
N ALA B 209 10.04 11.77 17.50
CA ALA B 209 11.47 11.91 17.67
C ALA B 209 11.80 13.27 18.27
N PRO B 210 12.95 13.40 18.93
CA PRO B 210 13.35 14.71 19.47
C PRO B 210 13.38 15.78 18.40
N GLY B 211 12.87 16.95 18.75
CA GLY B 211 12.82 18.06 17.81
C GLY B 211 11.51 18.19 17.06
N THR B 212 10.66 17.18 17.12
CA THR B 212 9.41 17.25 16.40
C THR B 212 8.58 18.39 16.97
N PRO B 213 8.14 19.35 16.17
CA PRO B 213 7.27 20.38 16.68
C PRO B 213 5.86 19.86 16.90
N ALA B 214 5.22 20.41 17.90
CA ALA B 214 3.83 20.08 18.20
C ALA B 214 2.89 20.95 17.38
N ALA B 215 1.70 20.43 17.17
CA ALA B 215 0.58 21.21 16.64
C ALA B 215 -0.25 21.61 17.86
N ALA B 216 -0.07 22.90 18.31
CA ALA B 216 -0.88 23.38 19.42
C ALA B 216 -2.05 24.19 18.91
N PRO B 217 -3.15 24.23 19.66
CA PRO B 217 -4.25 25.13 19.29
C PRO B 217 -3.79 26.58 19.36
N ILE B 218 -4.41 27.41 18.52
CA ILE B 218 -4.15 28.85 18.48
C ILE B 218 -5.53 29.48 18.50
N GLY B 219 -5.94 29.98 19.66
CA GLY B 219 -7.31 30.44 19.78
C GLY B 219 -8.31 29.34 19.48
N ARG B 220 -9.26 29.65 18.61
CA ARG B 220 -10.29 28.70 18.21
C ARG B 220 -9.84 27.82 17.06
N ASN B 221 -8.60 28.02 16.60
CA ASN B 221 -8.06 27.22 15.51
C ASN B 221 -7.37 26.02 16.13
N VAL B 222 -7.81 24.82 15.75
CA VAL B 222 -7.28 23.62 16.38
C VAL B 222 -6.75 22.72 15.27
N PRO B 223 -5.73 21.93 15.54
CA PRO B 223 -5.22 21.04 14.52
C PRO B 223 -6.22 19.93 14.19
N VAL B 224 -6.08 19.41 12.97
CA VAL B 224 -7.00 18.39 12.46
C VAL B 224 -6.17 17.26 11.87
N MET B 225 -6.70 16.05 11.99
CA MET B 225 -6.17 14.89 11.30
C MET B 225 -7.15 14.45 10.22
N PHE B 226 -6.66 13.63 9.32
CA PHE B 226 -7.45 13.11 8.20
C PHE B 226 -7.79 11.67 8.50
N SER B 227 -9.08 11.32 8.37
CA SER B 227 -9.58 10.06 8.87
C SER B 227 -10.07 9.23 7.70
N GLY B 228 -9.81 7.94 7.78
CA GLY B 228 -10.38 6.98 6.85
C GLY B 228 -10.75 5.70 7.58
N VAL B 229 -11.49 4.85 6.90
CA VAL B 229 -11.91 3.61 7.51
C VAL B 229 -10.77 2.60 7.40
N ILE B 230 -10.45 1.96 8.52
CA ILE B 230 -9.41 0.95 8.55
C ILE B 230 -9.99 -0.37 9.06
N ARG B 231 -9.28 -1.44 8.74
CA ARG B 231 -9.64 -2.74 9.22
C ARG B 231 -9.26 -2.92 10.68
N ARG B 232 -9.96 -3.83 11.33
CA ARG B 232 -9.74 -4.18 12.72
C ARG B 232 -9.71 -5.69 12.86
N ALA B 233 -8.82 -6.18 13.74
CA ALA B 233 -8.56 -7.62 13.78
C ALA B 233 -9.76 -8.45 14.21
N GLY B 234 -10.61 -7.93 15.11
CA GLY B 234 -11.65 -8.74 15.72
C GLY B 234 -12.82 -9.01 14.80
N ASP B 235 -13.06 -8.11 13.83
CA ASP B 235 -14.08 -8.27 12.78
C ASP B 235 -13.41 -7.77 11.50
N ILE B 236 -12.63 -8.65 10.88
CA ILE B 236 -11.77 -8.25 9.77
C ILE B 236 -12.59 -7.88 8.55
N ASN B 237 -13.82 -8.36 8.45
CA ASN B 237 -14.68 -8.03 7.32
C ASN B 237 -15.35 -6.67 7.46
N ALA B 238 -15.39 -6.08 8.65
CA ALA B 238 -16.10 -4.82 8.81
C ALA B 238 -15.46 -3.75 7.95
N GLY B 239 -16.30 -2.95 7.32
CA GLY B 239 -15.86 -1.79 6.58
C GLY B 239 -16.72 -0.59 6.91
N ALA B 240 -16.82 0.31 5.94
CA ALA B 240 -17.60 1.52 6.15
C ALA B 240 -19.06 1.16 6.33
N GLY B 241 -19.66 1.62 7.43
CA GLY B 241 -21.07 1.37 7.65
C GLY B 241 -21.42 0.00 8.19
N SER B 242 -20.43 -0.75 8.67
CA SER B 242 -20.71 -2.04 9.29
C SER B 242 -21.77 -1.91 10.36
N VAL B 243 -22.60 -2.94 10.49
CA VAL B 243 -23.59 -2.95 11.55
C VAL B 243 -22.91 -3.05 12.91
N ASN B 244 -21.67 -3.53 12.95
CA ASN B 244 -20.91 -3.60 14.19
C ASN B 244 -20.17 -2.32 14.52
N GLY B 245 -20.30 -1.26 13.72
CA GLY B 245 -19.66 0.01 13.96
C GLY B 245 -18.47 0.21 13.04
N THR B 246 -18.17 1.47 12.71
CA THR B 246 -17.12 1.80 11.76
C THR B 246 -15.87 2.22 12.51
N GLN B 247 -14.73 1.70 12.07
CA GLN B 247 -13.43 1.96 12.67
C GLN B 247 -12.68 2.98 11.83
N TYR B 248 -12.20 4.04 12.49
CA TYR B 248 -11.42 5.08 11.84
C TYR B 248 -9.95 5.03 12.25
N GLY B 249 -9.11 5.29 11.25
CA GLY B 249 -7.70 5.57 11.49
C GLY B 249 -7.41 6.98 11.04
N VAL B 250 -6.45 7.62 11.70
CA VAL B 250 -6.12 9.00 11.40
C VAL B 250 -4.65 9.14 11.00
N GLY B 251 -4.40 10.15 10.16
CA GLY B 251 -3.06 10.59 9.82
C GLY B 251 -2.97 12.11 9.83
N SER B 252 -1.75 12.61 10.01
CA SER B 252 -1.58 14.06 10.06
C SER B 252 -1.69 14.76 8.71
N GLN B 253 -1.50 14.06 7.59
CA GLN B 253 -1.47 14.70 6.28
C GLN B 253 -2.05 13.74 5.25
N PRO B 254 -2.69 14.23 4.20
CA PRO B 254 -2.85 13.38 3.00
C PRO B 254 -1.50 13.08 2.42
N ILE B 255 -1.31 11.81 2.01
CA ILE B 255 -0.01 11.38 1.55
C ILE B 255 0.42 12.13 0.30
N SER B 256 -0.54 12.58 -0.51
CA SER B 256 -0.16 13.40 -1.65
C SER B 256 0.46 14.74 -1.23
N VAL B 257 0.03 15.30 -0.10
CA VAL B 257 0.67 16.50 0.43
C VAL B 257 2.08 16.19 0.89
N THR B 258 2.23 15.12 1.68
CA THR B 258 3.54 14.72 2.18
C THR B 258 4.51 14.56 1.02
N LEU B 259 4.06 13.87 -0.03
CA LEU B 259 4.93 13.64 -1.18
C LEU B 259 5.33 14.95 -1.84
N GLN B 260 4.36 15.85 -2.07
CA GLN B 260 4.72 17.12 -2.71
C GLN B 260 5.66 17.92 -1.83
N LEU B 261 5.41 17.96 -0.51
CA LEU B 261 6.30 18.68 0.39
C LEU B 261 7.70 18.09 0.42
N SER B 262 7.84 16.78 0.15
CA SER B 262 9.15 16.16 0.14
C SER B 262 9.93 16.45 -1.14
N LEU B 263 9.25 16.87 -2.19
CA LEU B 263 9.89 17.10 -3.49
C LEU B 263 10.22 18.57 -3.75
N THR B 264 9.56 19.50 -3.07
CA THR B 264 9.83 20.91 -3.29
C THR B 264 9.70 21.68 -1.98
N ASN B 265 10.53 22.71 -1.86
CA ASN B 265 10.60 23.55 -0.66
C ASN B 265 9.65 24.73 -0.78
N TYR B 266 8.88 24.98 0.29
CA TYR B 266 7.90 26.06 0.31
C TYR B 266 8.25 27.17 1.29
N SER B 267 9.51 27.25 1.74
CA SER B 267 9.84 28.18 2.81
C SER B 267 9.65 29.65 2.42
N SER B 268 9.75 29.98 1.13
CA SER B 268 9.56 31.37 0.71
C SER B 268 8.10 31.77 0.54
N SER B 269 7.17 30.82 0.55
CA SER B 269 5.75 31.13 0.37
C SER B 269 4.96 31.19 1.68
N LEU B 270 5.51 30.73 2.79
CA LEU B 270 4.79 30.76 4.08
C LEU B 270 5.81 30.82 5.21
N GLN B 271 5.57 31.69 6.18
CA GLN B 271 6.47 31.86 7.31
C GLN B 271 5.77 31.59 8.63
N PRO B 272 6.51 31.37 9.71
CA PRO B 272 5.86 31.13 11.00
C PRO B 272 4.86 32.24 11.33
N GLY B 273 3.75 31.85 11.95
CA GLY B 273 2.67 32.77 12.22
C GLY B 273 1.60 32.86 11.15
N GLN B 274 1.77 32.14 10.06
CA GLN B 274 0.85 32.19 8.93
C GLN B 274 0.26 30.82 8.64
N PHE B 275 -0.96 30.81 8.10
CA PHE B 275 -1.55 29.65 7.44
C PHE B 275 -1.68 29.94 5.95
N PHE B 276 -1.57 28.90 5.13
CA PHE B 276 -2.20 28.95 3.82
C PHE B 276 -3.60 28.36 3.98
N VAL B 277 -4.61 29.08 3.50
CA VAL B 277 -6.00 28.76 3.78
C VAL B 277 -6.73 28.36 2.51
N TRP B 278 -7.55 27.32 2.62
CA TRP B 278 -8.47 26.90 1.56
C TRP B 278 -9.88 26.88 2.13
N GLN B 279 -10.87 27.05 1.26
CA GLN B 279 -12.25 26.94 1.66
C GLN B 279 -12.79 25.61 1.14
N LEU B 280 -13.43 24.85 2.02
CA LEU B 280 -14.13 23.63 1.66
C LEU B 280 -15.61 23.94 1.56
N ASN B 281 -16.16 23.80 0.35
CA ASN B 281 -17.56 24.11 0.09
C ASN B 281 -18.37 22.83 0.09
N PHE B 282 -19.33 22.73 1.01
CA PHE B 282 -20.22 21.58 1.12
C PHE B 282 -21.59 21.93 0.57
N ALA B 283 -22.41 20.91 0.36
CA ALA B 283 -23.76 21.10 -0.15
C ALA B 283 -24.54 22.08 0.72
N SER B 284 -24.26 22.08 2.02
CA SER B 284 -24.88 23.01 2.97
C SER B 284 -23.78 23.53 3.89
N GLY B 285 -23.15 24.62 3.50
CA GLY B 285 -22.21 25.30 4.36
C GLY B 285 -20.78 25.20 3.85
N PHE B 286 -19.86 25.71 4.66
CA PHE B 286 -18.45 25.69 4.30
C PHE B 286 -17.61 25.81 5.55
N LEU B 287 -16.34 25.45 5.41
CA LEU B 287 -15.36 25.70 6.45
C LEU B 287 -14.02 25.99 5.78
N GLU B 288 -13.17 26.70 6.51
CA GLU B 288 -11.82 26.99 6.06
C GLU B 288 -10.84 26.08 6.77
N ILE B 289 -9.83 25.63 6.03
CA ILE B 289 -8.76 24.80 6.58
C ILE B 289 -7.45 25.52 6.32
N GLY B 290 -6.55 25.48 7.28
CA GLY B 290 -5.26 26.14 7.17
C GLY B 290 -4.12 25.16 7.29
N LEU B 291 -3.03 25.44 6.59
CA LEU B 291 -1.78 24.69 6.69
C LEU B 291 -0.70 25.60 7.26
N ASN B 292 0.06 25.11 8.24
CA ASN B 292 1.14 25.89 8.85
C ASN B 292 2.49 25.38 8.36
N VAL B 293 3.55 26.13 8.70
CA VAL B 293 4.86 25.82 8.13
C VAL B 293 5.41 24.50 8.61
N ASP B 294 4.92 23.99 9.74
CA ASP B 294 5.34 22.68 10.24
C ASP B 294 4.60 21.53 9.56
N GLY B 295 3.71 21.83 8.62
CA GLY B 295 3.00 20.82 7.87
C GLY B 295 1.71 20.35 8.50
N TYR B 296 1.26 21.00 9.56
CA TYR B 296 0.00 20.62 10.19
C TYR B 296 -1.18 21.42 9.66
N PHE B 297 -2.33 20.76 9.58
CA PHE B 297 -3.56 21.40 9.14
C PHE B 297 -4.43 21.73 10.34
N TYR B 298 -5.19 22.81 10.21
CA TYR B 298 -6.04 23.37 11.26
C TYR B 298 -7.42 23.70 10.71
N ILE B 299 -8.43 23.66 11.60
CA ILE B 299 -9.76 24.20 11.32
C ILE B 299 -10.22 25.00 12.52
N GLY B 300 -11.26 25.78 12.32
CA GLY B 300 -11.78 26.63 13.39
C GLY B 300 -12.86 25.95 14.22
N ALA B 301 -12.61 24.73 14.67
CA ALA B 301 -13.62 23.96 15.39
C ALA B 301 -13.67 24.31 16.87
N GLY B 302 -12.76 25.12 17.36
CA GLY B 302 -12.74 25.43 18.79
C GLY B 302 -12.68 24.17 19.62
N ALA B 303 -13.60 24.04 20.57
CA ALA B 303 -13.52 22.93 21.52
C ALA B 303 -14.12 21.63 20.99
N SER B 304 -14.66 21.62 19.77
CA SER B 304 -15.35 20.45 19.27
C SER B 304 -14.38 19.39 18.77
N SER B 305 -14.63 18.14 19.18
CA SER B 305 -13.89 16.98 18.71
C SER B 305 -14.73 16.08 17.81
N ASN B 306 -15.88 16.55 17.35
CA ASN B 306 -16.73 15.71 16.52
C ASN B 306 -16.10 15.57 15.14
N MET B 307 -16.06 14.35 14.63
CA MET B 307 -15.61 14.11 13.28
C MET B 307 -16.52 14.83 12.29
N ILE B 308 -15.91 15.33 11.22
CA ILE B 308 -16.60 16.03 10.13
C ILE B 308 -16.53 15.12 8.91
N GLU B 309 -17.68 14.56 8.52
CA GLU B 309 -17.74 13.74 7.31
C GLU B 309 -17.61 14.61 6.06
N LEU B 310 -16.89 14.08 5.07
CA LEU B 310 -16.66 14.78 3.80
C LEU B 310 -17.60 14.30 2.70
N THR B 311 -18.63 13.50 3.05
CA THR B 311 -19.58 12.98 2.08
C THR B 311 -20.13 14.06 1.16
N GLU B 312 -20.55 15.18 1.74
CA GLU B 312 -21.21 16.25 1.01
C GLU B 312 -20.25 17.35 0.58
N LEU B 313 -18.94 17.10 0.63
CA LEU B 313 -18.00 18.08 0.15
C LEU B 313 -18.10 18.19 -1.36
N ILE B 314 -18.27 19.41 -1.86
CA ILE B 314 -18.32 19.67 -3.29
C ILE B 314 -16.95 20.06 -3.84
N ASP B 315 -16.28 21.06 -3.26
CA ASP B 315 -14.99 21.44 -3.82
C ASP B 315 -14.14 22.15 -2.79
N VAL B 316 -12.85 22.26 -3.14
CA VAL B 316 -11.84 22.96 -2.36
C VAL B 316 -11.35 24.13 -3.21
N ARG B 317 -11.29 25.32 -2.61
CA ARG B 317 -10.85 26.52 -3.33
C ARG B 317 -9.77 27.22 -2.51
N PRO B 318 -8.64 27.60 -3.10
CA PRO B 318 -7.63 28.32 -2.31
C PRO B 318 -8.07 29.74 -1.98
N VAL B 319 -7.75 30.16 -0.77
CA VAL B 319 -8.00 31.52 -0.29
C VAL B 319 -6.73 32.36 -0.31
N GLY B 320 -5.66 31.86 0.32
CA GLY B 320 -4.39 32.54 0.37
C GLY B 320 -3.79 32.51 1.75
N VAL B 321 -2.71 33.27 1.92
CA VAL B 321 -1.97 33.34 3.18
C VAL B 321 -2.73 34.25 4.13
N ARG B 322 -2.90 33.80 5.37
CA ARG B 322 -3.59 34.55 6.41
C ARG B 322 -2.85 34.37 7.72
N PRO B 323 -3.01 35.28 8.67
CA PRO B 323 -2.42 35.07 10.00
C PRO B 323 -3.07 33.88 10.70
N ASN B 324 -2.25 33.13 11.44
CA ASN B 324 -2.75 31.96 12.14
C ASN B 324 -3.58 32.34 13.36
N THR B 325 -3.56 33.60 13.77
CA THR B 325 -4.39 34.07 14.86
C THR B 325 -5.79 34.46 14.43
N SER B 326 -6.04 34.54 13.12
CA SER B 326 -7.38 34.83 12.64
C SER B 326 -8.20 33.56 12.65
N THR B 327 -9.36 33.62 13.30
CA THR B 327 -10.19 32.43 13.43
C THR B 327 -10.66 31.95 12.05
N LEU B 328 -10.42 30.68 11.79
CA LEU B 328 -10.91 30.07 10.56
C LEU B 328 -12.42 29.86 10.65
N VAL B 329 -13.11 30.22 9.58
CA VAL B 329 -14.57 30.16 9.58
C VAL B 329 -15.02 28.71 9.54
N PHE B 330 -16.05 28.41 10.32
CA PHE B 330 -16.64 27.08 10.43
C PHE B 330 -18.15 27.27 10.35
N ASN B 331 -18.73 26.97 9.19
CA ASN B 331 -20.14 27.24 8.92
C ASN B 331 -20.81 25.96 8.39
N LEU B 332 -20.91 24.96 9.25
CA LEU B 332 -21.59 23.71 8.95
C LEU B 332 -22.77 23.58 9.92
#